data_6STX
#
_entry.id   6STX
#
_cell.length_a   172.327
_cell.length_b   172.327
_cell.length_c   172.327
_cell.angle_alpha   90.000
_cell.angle_beta   90.000
_cell.angle_gamma   90.000
#
_symmetry.space_group_name_H-M   'I 2 3'
#
loop_
_entity.id
_entity.type
_entity.pdbx_description
1 polymer 'Kelch domain-containing protein'
2 non-polymer 'TETRAETHYLENE GLYCOL'
3 non-polymer 'ACETATE ION'
4 non-polymer 2-acetamido-2-deoxy-beta-D-glucopyranose
5 non-polymer 'SODIUM ION'
6 water water
#
_entity_poly.entity_id   1
_entity_poly.type   'polypeptide(L)'
_entity_poly.pdbx_seq_one_letter_code
;EFAITSCPNNETVWETPIGVKYTLCPGSDYQNGGASLQTVRDIQSSLECAKICDSDARCNRAVYDNVNKACDVKNSTNPM
QWAADDRFETIRLTNDLPEGAFISTCSFNETSYRVPETNAEYRICPDTDYTGVNAKVVEGVTTIQACAELCSNTQDCRKS
VFDHINNACAIKAAEPATSIFWVQDKQFSTIRLPENIDPAVKGKWGDLIRLPVIPVAAYIVPSYPEPSRLLFFSSWSNDA
FSGASGMTQFGDYDFATGAISQRTVTNTHHDMFCPGISQLEDGRILIQGGSDADTVSIYDPATNEFTRGPNMTLARGYQT
SCTLSNGKVFTIGGAYSGERVGKNGEVYDPVANAWTYLPGADFRPMLTNDHEGIWREDNHAWLFGWKNGSIFQAGPSKDQ
HWYGIQGNGTVAKAATRDDDDAMCGVWVMYDAVAGKIFSAGGSPDYTDSPATQRAHITTIGEPNTPAEVERVADMGFPRG
FANAVVLPDGQVLVTGGQRMSLVFTNTDGILVAELFNPETREWKQMAPMAVPRNYHSVSILLPDATVFSGGGGMCWVQNV
GDSTAGCDKTVDHSDGEIFEPPYLFNEDGSRAARPVISAISADPIKAGATLTFTVEGVEGQGTAALIRLGSVTHSVNSDQ
RRVPLNVTVSGNEYSATLPDDYGILLPGYYYLFVSTPQGTPSIAKTVHVILGLEQKLISEEDLNSAVDHHHHHH
;
_entity_poly.pdbx_strand_id   C
#
loop_
_chem_comp.id
_chem_comp.type
_chem_comp.name
_chem_comp.formula
ACT non-polymer 'ACETATE ION' 'C2 H3 O2 -1'
NA non-polymer 'SODIUM ION' 'Na 1'
NAG D-saccharide, beta linking 2-acetamido-2-deoxy-beta-D-glucopyranose 'C8 H15 N O6'
PG4 non-polymer 'TETRAETHYLENE GLYCOL' 'C8 H18 O5'
#
# COMPACT_ATOMS: atom_id res chain seq x y z
N THR A 12 -18.42 -32.05 7.22
CA THR A 12 -17.21 -32.42 7.98
C THR A 12 -15.97 -31.85 7.28
N VAL A 13 -14.88 -31.66 8.02
CA VAL A 13 -13.59 -31.11 7.54
C VAL A 13 -12.49 -32.01 8.07
N TRP A 14 -11.73 -32.66 7.17
CA TRP A 14 -10.52 -33.46 7.51
C TRP A 14 -9.27 -32.58 7.27
N GLU A 15 -8.33 -32.58 8.24
CA GLU A 15 -7.06 -31.82 8.19
C GLU A 15 -5.92 -32.85 8.21
N THR A 16 -5.15 -32.91 7.12
CA THR A 16 -4.01 -33.84 6.91
C THR A 16 -2.95 -33.49 7.95
N PRO A 17 -1.91 -34.34 8.11
CA PRO A 17 -0.85 -34.08 9.07
C PRO A 17 -0.01 -32.81 8.81
N ILE A 18 -0.04 -32.23 7.61
CA ILE A 18 0.76 -31.01 7.28
C ILE A 18 -0.13 -29.75 7.35
N GLY A 19 -1.47 -29.88 7.38
CA GLY A 19 -2.40 -28.75 7.54
C GLY A 19 -3.34 -28.54 6.37
N VAL A 20 -3.29 -29.43 5.37
CA VAL A 20 -4.20 -29.32 4.20
C VAL A 20 -5.59 -29.68 4.68
N LYS A 21 -6.62 -29.03 4.15
CA LYS A 21 -8.02 -29.19 4.63
C LYS A 21 -8.89 -29.64 3.45
N TYR A 22 -9.68 -30.69 3.69
CA TYR A 22 -10.73 -31.25 2.79
C TYR A 22 -12.08 -31.17 3.52
N THR A 23 -13.15 -30.80 2.82
CA THR A 23 -14.54 -30.73 3.35
C THR A 23 -15.33 -31.89 2.74
N LEU A 24 -15.73 -32.83 3.60
CA LEU A 24 -16.56 -34.02 3.26
C LEU A 24 -18.02 -33.68 3.55
N CYS A 25 -18.87 -33.65 2.50
CA CYS A 25 -20.33 -33.41 2.60
C CYS A 25 -21.10 -34.69 2.26
N PRO A 26 -21.55 -35.47 3.28
CA PRO A 26 -22.29 -36.71 3.05
C PRO A 26 -23.60 -36.49 2.28
N GLY A 27 -23.80 -37.25 1.19
CA GLY A 27 -25.05 -37.23 0.39
C GLY A 27 -24.91 -36.49 -0.93
N SER A 28 -23.71 -35.98 -1.27
CA SER A 28 -23.43 -35.18 -2.49
C SER A 28 -22.73 -36.03 -3.56
N ASP A 29 -23.00 -35.76 -4.84
CA ASP A 29 -22.19 -36.20 -6.02
C ASP A 29 -21.65 -34.93 -6.71
N TYR A 30 -20.87 -35.08 -7.78
CA TYR A 30 -20.51 -33.97 -8.72
C TYR A 30 -21.09 -34.31 -10.10
N LEU A 37 -9.94 -39.87 -13.70
CA LEU A 37 -8.47 -39.67 -13.51
C LEU A 37 -7.90 -40.82 -12.65
N GLN A 38 -8.75 -41.50 -11.90
CA GLN A 38 -8.42 -42.50 -10.84
C GLN A 38 -9.73 -43.01 -10.25
N THR A 39 -9.93 -44.33 -10.17
CA THR A 39 -11.11 -44.95 -9.52
C THR A 39 -10.63 -46.16 -8.71
N VAL A 40 -10.54 -46.02 -7.39
CA VAL A 40 -9.99 -47.05 -6.46
C VAL A 40 -11.15 -47.71 -5.71
N ARG A 41 -11.25 -49.05 -5.77
CA ARG A 41 -12.35 -49.83 -5.15
C ARG A 41 -11.90 -50.31 -3.76
N ASP A 42 -12.82 -50.94 -3.02
CA ASP A 42 -12.55 -51.42 -1.64
C ASP A 42 -12.16 -50.22 -0.77
N ILE A 43 -12.88 -49.11 -0.96
CA ILE A 43 -12.80 -47.91 -0.07
C ILE A 43 -14.03 -47.92 0.83
N GLN A 44 -13.82 -47.95 2.14
CA GLN A 44 -14.83 -48.25 3.19
C GLN A 44 -15.55 -46.96 3.59
N SER A 45 -15.01 -45.80 3.24
CA SER A 45 -15.48 -44.50 3.81
C SER A 45 -15.11 -43.29 2.96
N SER A 46 -15.62 -42.14 3.42
CA SER A 46 -15.33 -40.78 2.94
C SER A 46 -13.87 -40.44 3.21
N LEU A 47 -13.36 -40.69 4.41
CA LEU A 47 -11.99 -40.32 4.84
C LEU A 47 -10.98 -40.96 3.87
N GLU A 48 -11.21 -42.23 3.52
CA GLU A 48 -10.28 -43.04 2.68
C GLU A 48 -10.12 -42.37 1.30
N CYS A 49 -11.25 -42.04 0.66
CA CYS A 49 -11.35 -41.34 -0.65
C CYS A 49 -10.60 -40.00 -0.53
N ALA A 50 -10.87 -39.24 0.53
CA ALA A 50 -10.18 -37.96 0.84
C ALA A 50 -8.66 -38.20 0.85
N LYS A 51 -8.20 -39.24 1.55
CA LYS A 51 -6.76 -39.61 1.63
C LYS A 51 -6.26 -39.93 0.21
N ILE A 52 -7.10 -40.57 -0.64
CA ILE A 52 -6.81 -40.79 -2.08
C ILE A 52 -6.68 -39.42 -2.78
N CYS A 53 -7.64 -38.52 -2.57
CA CYS A 53 -7.64 -37.16 -3.15
C CYS A 53 -6.30 -36.50 -2.82
N ASP A 54 -5.87 -36.58 -1.57
CA ASP A 54 -4.65 -35.87 -1.14
C ASP A 54 -3.41 -36.51 -1.79
N SER A 55 -3.39 -37.84 -1.99
CA SER A 55 -2.28 -38.56 -2.69
C SER A 55 -2.10 -37.95 -4.10
N ASP A 56 -3.17 -37.47 -4.72
CA ASP A 56 -3.19 -37.03 -6.15
C ASP A 56 -3.09 -35.50 -6.24
N ALA A 57 -1.96 -34.98 -6.76
CA ALA A 57 -1.68 -33.52 -6.94
C ALA A 57 -2.72 -32.85 -7.84
N ARG A 58 -3.47 -33.59 -8.66
CA ARG A 58 -4.48 -33.05 -9.60
C ARG A 58 -5.85 -32.91 -8.93
N CYS A 59 -6.05 -33.41 -7.69
CA CYS A 59 -7.40 -33.61 -7.08
C CYS A 59 -7.82 -32.41 -6.22
N ASN A 60 -8.88 -31.70 -6.63
CA ASN A 60 -9.55 -30.61 -5.88
C ASN A 60 -10.91 -31.11 -5.34
N ARG A 61 -11.55 -32.01 -6.10
CA ARG A 61 -12.88 -32.60 -5.81
C ARG A 61 -12.84 -34.11 -6.10
N ALA A 62 -13.36 -34.94 -5.17
CA ALA A 62 -13.58 -36.40 -5.35
C ALA A 62 -14.98 -36.83 -4.83
N VAL A 63 -15.52 -37.95 -5.34
CA VAL A 63 -16.85 -38.53 -5.00
C VAL A 63 -16.66 -39.93 -4.36
N TYR A 64 -17.13 -40.11 -3.12
CA TYR A 64 -17.14 -41.43 -2.41
C TYR A 64 -18.44 -42.14 -2.77
N ASP A 65 -18.37 -43.41 -3.13
CA ASP A 65 -19.58 -44.22 -3.44
C ASP A 65 -19.72 -45.31 -2.36
N ASN A 66 -20.59 -45.08 -1.38
CA ASN A 66 -20.87 -46.02 -0.25
C ASN A 66 -21.44 -47.32 -0.82
N VAL A 67 -22.33 -47.24 -1.81
CA VAL A 67 -22.96 -48.40 -2.54
C VAL A 67 -21.85 -49.31 -3.10
N ASN A 68 -21.09 -48.85 -4.10
CA ASN A 68 -20.04 -49.65 -4.78
C ASN A 68 -18.67 -49.54 -4.05
N LYS A 69 -18.59 -48.82 -2.93
CA LYS A 69 -17.39 -48.80 -2.04
C LYS A 69 -16.15 -48.30 -2.82
N ALA A 70 -16.34 -47.29 -3.69
CA ALA A 70 -15.30 -46.77 -4.62
C ALA A 70 -15.13 -45.25 -4.48
N CYS A 71 -13.98 -44.76 -4.94
CA CYS A 71 -13.52 -43.34 -4.90
C CYS A 71 -13.19 -42.86 -6.32
N ASP A 72 -13.94 -41.88 -6.84
CA ASP A 72 -13.73 -41.25 -8.17
C ASP A 72 -13.06 -39.88 -7.99
N VAL A 73 -11.82 -39.73 -8.45
CA VAL A 73 -11.09 -38.43 -8.54
C VAL A 73 -11.46 -37.81 -9.89
N LYS A 74 -12.25 -36.74 -9.88
CA LYS A 74 -12.83 -36.06 -11.07
C LYS A 74 -11.73 -35.33 -11.86
N ASP A 86 -28.13 -39.59 -0.66
CA ASP A 86 -27.76 -40.09 -2.01
C ASP A 86 -26.80 -41.28 -1.86
N ARG A 87 -26.47 -41.94 -2.96
CA ARG A 87 -25.59 -43.12 -2.96
C ARG A 87 -24.14 -42.66 -2.70
N PHE A 88 -23.87 -41.36 -2.86
CA PHE A 88 -22.49 -40.79 -2.92
C PHE A 88 -22.27 -39.78 -1.78
N GLU A 89 -21.00 -39.39 -1.61
CA GLU A 89 -20.50 -38.33 -0.67
C GLU A 89 -19.34 -37.56 -1.35
N THR A 90 -19.33 -36.21 -1.30
CA THR A 90 -18.28 -35.39 -1.99
C THR A 90 -17.14 -35.03 -1.05
N ILE A 91 -15.92 -35.00 -1.60
CA ILE A 91 -14.68 -34.51 -0.95
C ILE A 91 -14.19 -33.28 -1.75
N ARG A 92 -13.97 -32.14 -1.08
CA ARG A 92 -13.52 -30.85 -1.68
C ARG A 92 -12.30 -30.34 -0.92
N LEU A 93 -11.22 -29.97 -1.64
CA LEU A 93 -10.07 -29.23 -1.03
C LEU A 93 -10.59 -27.86 -0.54
N THR A 94 -10.32 -27.52 0.71
CA THR A 94 -10.80 -26.28 1.38
C THR A 94 -9.75 -25.80 2.38
N ASN A 95 -8.61 -25.28 1.90
CA ASN A 95 -7.57 -24.75 2.82
C ASN A 95 -8.04 -23.40 3.38
N ASP A 96 -7.40 -22.90 4.44
CA ASP A 96 -7.73 -21.55 4.99
C ASP A 96 -7.63 -20.53 3.84
N LEU A 97 -6.57 -20.60 3.01
CA LEU A 97 -6.41 -19.78 1.77
C LEU A 97 -6.86 -20.57 0.54
N PRO A 98 -7.51 -19.94 -0.47
CA PRO A 98 -7.81 -20.62 -1.71
C PRO A 98 -6.55 -20.90 -2.53
N GLU A 99 -6.70 -21.82 -3.48
CA GLU A 99 -5.71 -22.10 -4.54
C GLU A 99 -5.46 -20.80 -5.32
N GLY A 100 -4.19 -20.41 -5.51
CA GLY A 100 -3.83 -19.22 -6.28
C GLY A 100 -3.54 -18.04 -5.37
N ALA A 101 -3.85 -18.16 -4.07
CA ALA A 101 -3.54 -17.13 -3.05
C ALA A 101 -2.03 -16.90 -2.96
N PHE A 102 -1.63 -15.64 -2.84
CA PHE A 102 -0.23 -15.27 -2.59
C PHE A 102 0.03 -15.52 -1.13
N ILE A 103 1.23 -15.97 -0.77
CA ILE A 103 1.60 -16.23 0.64
C ILE A 103 2.91 -15.54 0.93
N SER A 104 3.20 -15.37 2.22
CA SER A 104 4.45 -14.83 2.77
C SER A 104 5.17 -15.87 3.61
N THR A 105 4.49 -16.97 3.89
CA THR A 105 5.02 -18.06 4.75
C THR A 105 4.31 -19.34 4.32
N CYS A 106 4.95 -20.48 4.49
CA CYS A 106 4.34 -21.78 4.16
C CYS A 106 3.04 -21.94 4.97
N SER A 107 1.92 -22.16 4.29
CA SER A 107 0.59 -22.44 4.90
C SER A 107 0.60 -23.79 5.65
N PHE A 108 1.56 -24.66 5.35
CA PHE A 108 1.57 -26.08 5.78
C PHE A 108 2.86 -26.35 6.52
N ASN A 109 2.99 -27.51 7.15
CA ASN A 109 4.27 -27.92 7.78
C ASN A 109 5.32 -27.94 6.66
N GLU A 110 6.48 -27.35 6.92
CA GLU A 110 7.68 -27.38 6.04
C GLU A 110 8.52 -28.59 6.48
N THR A 111 9.40 -29.07 5.59
CA THR A 111 10.50 -30.00 5.90
C THR A 111 11.81 -29.32 5.50
N SER A 112 12.91 -29.72 6.17
CA SER A 112 14.31 -29.46 5.74
C SER A 112 14.67 -30.61 4.79
N TYR A 113 15.72 -30.44 3.97
CA TYR A 113 16.29 -31.50 3.10
C TYR A 113 17.72 -31.10 2.73
N ARG A 114 18.68 -31.96 3.02
CA ARG A 114 20.12 -31.78 2.67
C ARG A 114 20.42 -32.75 1.54
N VAL A 115 21.01 -32.29 0.43
CA VAL A 115 21.33 -33.17 -0.72
C VAL A 115 22.52 -34.05 -0.29
N PRO A 116 22.39 -35.39 -0.42
CA PRO A 116 23.44 -36.28 0.07
C PRO A 116 24.80 -35.80 -0.44
N GLU A 117 25.76 -35.62 0.45
CA GLU A 117 27.21 -35.42 0.15
C GLU A 117 27.47 -33.97 -0.26
N THR A 118 26.67 -33.01 0.24
CA THR A 118 26.61 -31.61 -0.28
C THR A 118 26.86 -30.57 0.81
N ASN A 119 26.36 -30.78 2.02
CA ASN A 119 26.39 -29.76 3.10
C ASN A 119 25.69 -28.50 2.58
N ALA A 120 24.46 -28.66 2.07
CA ALA A 120 23.58 -27.57 1.58
C ALA A 120 22.11 -27.99 1.80
N GLU A 121 21.48 -27.43 2.85
CA GLU A 121 20.09 -27.73 3.33
C GLU A 121 19.09 -26.78 2.66
N TYR A 122 17.88 -27.28 2.35
CA TYR A 122 16.77 -26.56 1.70
C TYR A 122 15.52 -26.71 2.55
N ARG A 123 14.69 -25.66 2.58
N ARG A 123 14.68 -25.68 2.57
CA ARG A 123 13.31 -25.74 3.11
CA ARG A 123 13.32 -25.76 3.15
C ARG A 123 12.36 -26.09 1.96
C ARG A 123 12.35 -26.06 2.00
N ILE A 124 11.42 -26.98 2.23
CA ILE A 124 10.44 -27.47 1.23
C ILE A 124 9.07 -27.13 1.79
N CYS A 125 8.28 -26.40 1.01
CA CYS A 125 6.89 -26.04 1.36
C CYS A 125 5.99 -26.77 0.37
N PRO A 126 5.25 -27.80 0.83
CA PRO A 126 4.38 -28.54 -0.08
C PRO A 126 3.23 -27.70 -0.61
N ASP A 127 2.69 -28.07 -1.77
CA ASP A 127 1.39 -27.57 -2.31
C ASP A 127 1.48 -26.06 -2.56
N THR A 128 2.67 -25.58 -2.98
CA THR A 128 2.96 -24.16 -3.30
C THR A 128 3.83 -24.09 -4.56
N ASP A 129 3.77 -22.94 -5.23
CA ASP A 129 4.51 -22.66 -6.49
C ASP A 129 5.28 -21.34 -6.31
N TYR A 130 6.38 -21.17 -7.03
CA TYR A 130 7.05 -19.88 -7.25
C TYR A 130 6.79 -19.45 -8.68
N THR A 131 6.05 -18.37 -8.88
CA THR A 131 5.72 -17.85 -10.23
C THR A 131 6.84 -16.90 -10.62
N GLY A 132 7.07 -16.74 -11.91
CA GLY A 132 8.06 -15.78 -12.44
C GLY A 132 8.99 -16.47 -13.40
N VAL A 133 9.92 -15.71 -13.93
CA VAL A 133 10.88 -16.22 -14.96
C VAL A 133 11.69 -17.37 -14.34
N ASN A 134 11.91 -18.44 -15.12
CA ASN A 134 12.74 -19.61 -14.76
C ASN A 134 14.11 -19.45 -15.41
N ALA A 135 15.20 -19.79 -14.69
CA ALA A 135 16.54 -19.97 -15.29
C ALA A 135 16.51 -21.23 -16.15
N LYS A 136 15.72 -22.24 -15.76
CA LYS A 136 15.74 -23.58 -16.38
C LYS A 136 14.47 -24.33 -15.98
N VAL A 137 13.94 -25.13 -16.89
CA VAL A 137 12.84 -26.08 -16.58
C VAL A 137 13.30 -27.43 -17.13
N VAL A 138 13.31 -28.45 -16.29
CA VAL A 138 13.91 -29.77 -16.62
C VAL A 138 12.80 -30.82 -16.50
N GLU A 139 12.49 -31.51 -17.58
CA GLU A 139 11.49 -32.62 -17.61
C GLU A 139 12.16 -33.90 -17.11
N GLY A 140 11.36 -34.87 -16.65
CA GLY A 140 11.84 -36.20 -16.21
C GLY A 140 12.49 -36.20 -14.84
N VAL A 141 12.18 -35.23 -13.97
CA VAL A 141 12.60 -35.20 -12.54
C VAL A 141 11.38 -35.73 -11.76
N THR A 142 11.50 -36.84 -11.02
CA THR A 142 10.32 -37.64 -10.57
C THR A 142 10.09 -37.53 -9.06
N THR A 143 11.01 -36.89 -8.34
CA THR A 143 10.94 -36.73 -6.87
C THR A 143 11.37 -35.32 -6.46
N ILE A 144 10.81 -34.84 -5.35
CA ILE A 144 11.26 -33.56 -4.71
C ILE A 144 12.76 -33.63 -4.46
N GLN A 145 13.30 -34.80 -4.06
CA GLN A 145 14.74 -34.93 -3.72
C GLN A 145 15.59 -34.66 -4.96
N ALA A 146 15.22 -35.22 -6.11
CA ALA A 146 15.93 -35.03 -7.39
C ALA A 146 15.87 -33.53 -7.79
N CYS A 147 14.78 -32.87 -7.47
CA CYS A 147 14.60 -31.42 -7.80
C CYS A 147 15.56 -30.60 -6.93
N ALA A 148 15.62 -30.91 -5.62
CA ALA A 148 16.59 -30.27 -4.70
C ALA A 148 18.02 -30.49 -5.20
N GLU A 149 18.32 -31.72 -5.63
CA GLU A 149 19.67 -32.12 -6.13
C GLU A 149 20.03 -31.28 -7.35
N LEU A 150 19.08 -31.12 -8.29
CA LEU A 150 19.28 -30.24 -9.48
C LEU A 150 19.58 -28.80 -9.02
N CYS A 151 18.77 -28.27 -8.10
CA CYS A 151 19.00 -26.92 -7.49
C CYS A 151 20.43 -26.88 -6.94
N SER A 152 20.87 -27.89 -6.17
CA SER A 152 22.25 -27.96 -5.62
C SER A 152 23.30 -27.94 -6.73
N ASN A 153 23.05 -28.51 -7.91
CA ASN A 153 24.01 -28.58 -9.06
C ASN A 153 23.88 -27.40 -10.04
N THR A 154 23.03 -26.41 -9.74
CA THR A 154 22.81 -25.23 -10.62
C THR A 154 23.35 -24.00 -9.92
N GLN A 155 24.31 -23.31 -10.52
CA GLN A 155 24.95 -22.10 -9.93
C GLN A 155 23.82 -21.11 -9.61
N ASP A 156 23.81 -20.50 -8.42
CA ASP A 156 22.91 -19.37 -8.10
C ASP A 156 21.46 -19.84 -8.01
N CYS A 157 21.21 -21.13 -7.78
CA CYS A 157 19.83 -21.61 -7.45
C CYS A 157 19.50 -21.29 -5.97
N ARG A 158 18.53 -20.42 -5.75
CA ARG A 158 18.00 -20.07 -4.39
C ARG A 158 16.56 -20.56 -4.29
N LYS A 159 15.85 -20.72 -5.42
CA LYS A 159 14.44 -21.16 -5.40
C LYS A 159 14.19 -22.13 -6.56
N SER A 160 13.56 -23.26 -6.26
CA SER A 160 13.16 -24.24 -7.29
C SER A 160 11.76 -24.73 -7.01
N VAL A 161 11.16 -25.33 -8.03
CA VAL A 161 9.74 -25.75 -7.96
C VAL A 161 9.66 -27.17 -8.50
N PHE A 162 9.01 -28.06 -7.74
CA PHE A 162 8.79 -29.44 -8.22
C PHE A 162 7.35 -29.54 -8.67
N ASP A 163 7.15 -29.98 -9.92
CA ASP A 163 5.82 -30.13 -10.53
C ASP A 163 5.43 -31.59 -10.36
N HIS A 164 4.49 -31.86 -9.44
CA HIS A 164 4.03 -33.21 -9.03
C HIS A 164 3.25 -33.85 -10.18
N ILE A 165 2.56 -33.07 -10.98
CA ILE A 165 1.68 -33.58 -12.08
C ILE A 165 2.53 -33.97 -13.29
N ASN A 166 3.56 -33.20 -13.66
CA ASN A 166 4.31 -33.39 -14.93
C ASN A 166 5.70 -33.97 -14.70
N ASN A 167 6.11 -34.14 -13.44
CA ASN A 167 7.46 -34.60 -13.06
C ASN A 167 8.51 -33.69 -13.71
N ALA A 168 8.51 -32.43 -13.33
CA ALA A 168 9.46 -31.43 -13.85
C ALA A 168 10.00 -30.58 -12.69
N CYS A 169 11.18 -30.05 -12.88
CA CYS A 169 11.90 -29.21 -11.91
C CYS A 169 12.23 -27.90 -12.60
N ALA A 170 11.75 -26.82 -11.99
CA ALA A 170 12.09 -25.44 -12.41
C ALA A 170 13.05 -24.81 -11.42
N ILE A 171 14.09 -24.22 -11.97
CA ILE A 171 15.02 -23.35 -11.21
C ILE A 171 14.55 -21.91 -11.47
N LYS A 172 14.21 -21.15 -10.44
CA LYS A 172 13.77 -19.75 -10.66
C LYS A 172 14.96 -18.86 -10.98
N ALA A 173 14.73 -17.83 -11.80
CA ALA A 173 15.72 -16.80 -12.17
C ALA A 173 16.06 -15.94 -10.94
N ALA A 174 17.19 -15.26 -11.01
CA ALA A 174 17.85 -14.65 -9.85
C ALA A 174 17.03 -13.42 -9.43
N GLU A 175 16.89 -13.20 -8.14
CA GLU A 175 16.20 -12.01 -7.57
C GLU A 175 17.28 -11.05 -7.07
N PRO A 176 17.09 -9.70 -7.05
CA PRO A 176 15.86 -9.04 -7.47
C PRO A 176 15.78 -8.64 -8.95
N ALA A 177 16.67 -9.14 -9.82
CA ALA A 177 16.54 -8.83 -11.28
C ALA A 177 15.14 -9.25 -11.76
N THR A 178 14.67 -10.40 -11.28
CA THR A 178 13.36 -10.97 -11.62
C THR A 178 12.54 -10.90 -10.34
N SER A 179 11.22 -10.81 -10.45
CA SER A 179 10.27 -10.85 -9.32
C SER A 179 9.67 -12.24 -9.28
N ILE A 180 9.76 -12.91 -8.14
CA ILE A 180 9.28 -14.29 -7.91
C ILE A 180 8.24 -14.19 -6.82
N PHE A 181 7.05 -14.71 -7.08
CA PHE A 181 5.92 -14.70 -6.13
C PHE A 181 5.65 -16.13 -5.65
N TRP A 182 5.15 -16.22 -4.43
CA TRP A 182 4.86 -17.48 -3.69
C TRP A 182 3.36 -17.66 -3.64
N VAL A 183 2.87 -18.70 -4.31
CA VAL A 183 1.42 -18.94 -4.55
C VAL A 183 1.06 -20.32 -4.01
N GLN A 184 -0.13 -20.41 -3.43
CA GLN A 184 -0.71 -21.67 -2.92
C GLN A 184 -1.25 -22.46 -4.12
N ASP A 185 -0.70 -23.69 -4.34
CA ASP A 185 -1.03 -24.50 -5.54
C ASP A 185 -0.61 -25.97 -5.32
N LYS A 186 -1.59 -26.85 -5.21
CA LYS A 186 -1.40 -28.29 -4.85
C LYS A 186 -0.53 -28.99 -5.91
N GLN A 187 -0.53 -28.50 -7.16
CA GLN A 187 0.21 -29.11 -8.28
C GLN A 187 1.72 -29.14 -7.96
N PHE A 188 2.20 -28.23 -7.12
CA PHE A 188 3.65 -27.98 -6.99
C PHE A 188 4.08 -28.08 -5.54
N SER A 189 5.39 -28.14 -5.32
CA SER A 189 6.05 -27.83 -4.02
C SER A 189 7.20 -26.90 -4.31
N THR A 190 7.55 -26.04 -3.34
CA THR A 190 8.67 -25.11 -3.51
C THR A 190 9.82 -25.61 -2.67
N ILE A 191 11.01 -25.28 -3.14
CA ILE A 191 12.33 -25.63 -2.54
C ILE A 191 13.11 -24.33 -2.51
N ARG A 192 13.66 -23.98 -1.35
CA ARG A 192 14.39 -22.69 -1.17
C ARG A 192 15.60 -22.92 -0.27
N LEU A 193 16.63 -22.15 -0.56
CA LEU A 193 17.84 -21.98 0.29
C LEU A 193 17.56 -20.75 1.13
N PRO A 194 17.37 -20.85 2.46
CA PRO A 194 17.01 -19.65 3.24
C PRO A 194 18.12 -18.60 3.09
N GLU A 195 17.71 -17.34 2.88
CA GLU A 195 18.57 -16.14 2.91
C GLU A 195 18.58 -15.62 4.36
N ASN A 196 19.76 -15.40 4.94
CA ASN A 196 19.90 -14.70 6.25
C ASN A 196 19.61 -13.22 5.99
N ILE A 197 18.59 -12.64 6.64
CA ILE A 197 18.32 -11.17 6.55
C ILE A 197 18.54 -10.51 7.91
N ASP A 198 19.46 -9.54 7.96
CA ASP A 198 19.75 -8.76 9.17
C ASP A 198 18.72 -7.65 9.27
N PRO A 199 17.73 -7.74 10.19
CA PRO A 199 16.68 -6.71 10.28
C PRO A 199 17.23 -5.35 10.71
N ALA A 200 18.38 -5.34 11.37
CA ALA A 200 19.09 -4.10 11.77
C ALA A 200 19.57 -3.34 10.53
N VAL A 201 19.71 -4.01 9.38
CA VAL A 201 20.12 -3.39 8.09
C VAL A 201 18.90 -3.30 7.16
N LYS A 202 18.02 -4.32 7.13
CA LYS A 202 17.02 -4.45 6.03
C LYS A 202 15.57 -4.35 6.50
N GLY A 203 15.34 -4.12 7.79
CA GLY A 203 14.00 -4.18 8.40
C GLY A 203 13.45 -5.58 8.35
N LYS A 204 12.15 -5.71 8.58
CA LYS A 204 11.49 -7.03 8.61
C LYS A 204 10.04 -6.85 8.23
N TRP A 205 9.58 -7.68 7.30
CA TRP A 205 8.15 -7.73 6.94
C TRP A 205 7.47 -8.79 7.80
N GLY A 206 6.25 -8.49 8.26
CA GLY A 206 5.35 -9.46 8.87
C GLY A 206 4.64 -10.22 7.77
N ASP A 207 3.79 -11.17 8.16
CA ASP A 207 3.01 -11.98 7.21
C ASP A 207 1.81 -11.20 6.66
N LEU A 208 1.31 -11.69 5.55
CA LEU A 208 0.11 -11.15 4.92
C LEU A 208 -1.07 -11.17 5.89
N ILE A 209 -1.79 -10.05 5.92
CA ILE A 209 -3.07 -9.83 6.67
C ILE A 209 -4.20 -9.84 5.66
N ARG A 210 -5.12 -10.81 5.73
CA ARG A 210 -6.19 -10.95 4.73
C ARG A 210 -7.25 -9.90 5.08
N LEU A 211 -7.84 -9.28 4.07
CA LEU A 211 -8.80 -8.18 4.27
C LEU A 211 -10.01 -8.48 3.43
N PRO A 212 -11.18 -7.95 3.84
CA PRO A 212 -12.45 -8.16 3.14
C PRO A 212 -12.60 -7.39 1.81
N VAL A 213 -11.85 -6.30 1.66
CA VAL A 213 -11.94 -5.51 0.42
C VAL A 213 -10.53 -5.04 0.09
N ILE A 214 -10.27 -4.87 -1.18
CA ILE A 214 -8.92 -4.48 -1.64
C ILE A 214 -8.74 -3.07 -1.13
N PRO A 215 -7.67 -2.79 -0.36
CA PRO A 215 -7.42 -1.44 0.13
C PRO A 215 -6.84 -0.52 -0.96
N VAL A 216 -7.73 -0.12 -1.88
CA VAL A 216 -7.39 0.76 -3.02
C VAL A 216 -7.14 2.18 -2.50
N ALA A 217 -7.80 2.53 -1.40
CA ALA A 217 -7.69 3.81 -0.71
C ALA A 217 -7.71 3.52 0.79
N ALA A 218 -6.94 4.25 1.57
CA ALA A 218 -6.88 4.05 3.02
C ALA A 218 -6.59 5.35 3.76
N TYR A 219 -7.01 5.39 5.03
CA TYR A 219 -6.67 6.50 5.93
C TYR A 219 -6.69 6.02 7.37
N ILE A 220 -5.79 6.59 8.16
CA ILE A 220 -5.72 6.47 9.63
C ILE A 220 -6.88 7.24 10.23
N VAL A 221 -7.63 6.60 11.11
CA VAL A 221 -8.72 7.28 11.86
C VAL A 221 -8.11 8.06 13.02
N PRO A 222 -8.25 9.41 13.06
CA PRO A 222 -7.76 10.19 14.19
C PRO A 222 -8.43 9.72 15.48
N SER A 223 -7.66 9.56 16.54
CA SER A 223 -8.16 9.03 17.82
C SER A 223 -7.13 9.25 18.90
N TYR A 224 -7.59 9.38 20.14
CA TYR A 224 -6.70 9.56 21.33
C TYR A 224 -6.75 8.28 22.14
N PRO A 225 -5.70 7.93 22.88
CA PRO A 225 -4.45 8.70 22.90
C PRO A 225 -3.56 8.52 21.66
N GLU A 226 -3.84 7.49 20.86
CA GLU A 226 -3.11 7.22 19.57
C GLU A 226 -4.11 6.54 18.67
N PRO A 227 -3.99 6.70 17.34
CA PRO A 227 -4.94 6.05 16.45
C PRO A 227 -4.80 4.53 16.61
N SER A 228 -5.85 3.79 16.34
CA SER A 228 -5.83 2.30 16.42
C SER A 228 -6.43 1.72 15.15
N ARG A 229 -6.98 2.54 14.24
CA ARG A 229 -7.77 2.02 13.12
C ARG A 229 -7.33 2.63 11.79
N LEU A 230 -7.33 1.75 10.80
CA LEU A 230 -7.18 2.07 9.36
C LEU A 230 -8.51 1.76 8.67
N LEU A 231 -9.12 2.76 8.06
CA LEU A 231 -10.25 2.53 7.16
C LEU A 231 -9.69 2.39 5.75
N PHE A 232 -10.35 1.61 4.93
CA PHE A 232 -9.89 1.36 3.55
C PHE A 232 -11.11 1.01 2.74
N PHE A 233 -11.04 1.26 1.44
CA PHE A 233 -12.23 1.19 0.59
C PHE A 233 -11.83 0.92 -0.83
N SER A 234 -12.74 0.29 -1.55
CA SER A 234 -12.54 -0.10 -2.96
C SER A 234 -13.53 0.67 -3.80
N SER A 235 -14.69 0.07 -4.08
CA SER A 235 -15.76 0.60 -4.98
C SER A 235 -17.06 -0.13 -4.62
N TRP A 236 -17.98 -0.25 -5.56
CA TRP A 236 -19.31 -0.86 -5.29
C TRP A 236 -19.08 -2.33 -4.92
N SER A 237 -18.03 -2.95 -5.46
CA SER A 237 -17.61 -4.32 -5.12
C SER A 237 -16.31 -4.31 -4.31
N ASN A 238 -16.08 -5.40 -3.59
CA ASN A 238 -14.84 -5.65 -2.82
C ASN A 238 -13.62 -5.77 -3.77
N ASP A 239 -13.83 -6.09 -5.05
CA ASP A 239 -12.72 -6.32 -6.02
C ASP A 239 -13.11 -5.87 -7.41
N ALA A 240 -14.11 -4.98 -7.53
CA ALA A 240 -14.52 -4.49 -8.85
C ALA A 240 -15.08 -3.06 -8.77
N PHE A 241 -15.08 -2.39 -9.89
CA PHE A 241 -15.64 -1.03 -10.05
C PHE A 241 -16.31 -0.98 -11.41
N SER A 242 -17.14 0.04 -11.58
CA SER A 242 -17.84 0.37 -12.84
C SER A 242 -17.78 1.89 -12.98
N GLY A 243 -18.91 2.55 -13.09
CA GLY A 243 -18.98 4.02 -13.00
C GLY A 243 -19.78 4.40 -11.78
N ALA A 244 -20.65 5.40 -11.92
CA ALA A 244 -21.50 5.90 -10.83
C ALA A 244 -22.28 4.70 -10.29
N SER A 245 -22.40 4.61 -8.98
CA SER A 245 -23.04 3.43 -8.33
C SER A 245 -23.75 3.86 -7.05
N GLY A 246 -23.32 4.95 -6.41
CA GLY A 246 -23.88 5.35 -5.10
C GLY A 246 -23.50 4.48 -3.91
N MET A 247 -22.53 3.57 -4.03
N MET A 247 -22.53 3.57 -4.02
CA MET A 247 -22.10 2.75 -2.86
CA MET A 247 -22.11 2.78 -2.83
C MET A 247 -20.59 2.48 -2.88
C MET A 247 -20.61 2.47 -2.87
N THR A 248 -19.99 2.42 -1.69
CA THR A 248 -18.57 2.07 -1.50
C THR A 248 -18.44 0.97 -0.45
N GLN A 249 -17.69 -0.09 -0.76
CA GLN A 249 -17.33 -1.10 0.26
C GLN A 249 -16.12 -0.59 1.04
N PHE A 250 -16.23 -0.62 2.35
CA PHE A 250 -15.20 -0.20 3.32
C PHE A 250 -14.80 -1.43 4.13
N GLY A 251 -13.54 -1.47 4.51
CA GLY A 251 -13.03 -2.30 5.62
C GLY A 251 -12.56 -1.43 6.74
N ASP A 252 -12.48 -2.02 7.92
CA ASP A 252 -12.11 -1.34 9.17
C ASP A 252 -11.15 -2.28 9.89
N TYR A 253 -9.88 -1.91 9.95
CA TYR A 253 -8.78 -2.73 10.49
C TYR A 253 -8.25 -2.06 11.73
N ASP A 254 -8.52 -2.69 12.88
CA ASP A 254 -7.94 -2.27 14.17
C ASP A 254 -6.58 -2.92 14.30
N PHE A 255 -5.52 -2.18 14.04
CA PHE A 255 -4.14 -2.75 13.99
C PHE A 255 -3.65 -2.90 15.43
N ALA A 256 -4.37 -2.36 16.40
CA ALA A 256 -4.07 -2.56 17.83
C ALA A 256 -4.42 -4.00 18.22
N THR A 257 -5.62 -4.45 17.88
CA THR A 257 -6.21 -5.73 18.36
C THR A 257 -6.29 -6.76 17.23
N GLY A 258 -6.13 -6.34 15.97
CA GLY A 258 -6.26 -7.23 14.81
C GLY A 258 -7.70 -7.41 14.37
N ALA A 259 -8.68 -6.80 15.02
CA ALA A 259 -10.08 -6.93 14.62
C ALA A 259 -10.27 -6.30 13.23
N ILE A 260 -11.04 -6.96 12.37
CA ILE A 260 -11.38 -6.47 10.99
C ILE A 260 -12.88 -6.64 10.81
N SER A 261 -13.54 -5.63 10.26
CA SER A 261 -14.96 -5.64 9.85
C SER A 261 -15.09 -4.94 8.50
N GLN A 262 -16.28 -5.03 7.94
CA GLN A 262 -16.62 -4.33 6.67
C GLN A 262 -18.00 -3.72 6.81
N ARG A 263 -18.27 -2.74 5.96
CA ARG A 263 -19.56 -2.03 5.83
C ARG A 263 -19.68 -1.57 4.39
N THR A 264 -20.90 -1.34 3.95
CA THR A 264 -21.24 -0.80 2.62
C THR A 264 -21.76 0.61 2.88
N VAL A 265 -21.02 1.64 2.50
CA VAL A 265 -21.45 3.05 2.71
C VAL A 265 -22.27 3.47 1.49
N THR A 266 -23.58 3.65 1.71
CA THR A 266 -24.55 4.03 0.67
C THR A 266 -25.23 5.36 1.00
N ASN A 267 -25.20 5.82 2.26
CA ASN A 267 -26.09 6.93 2.69
C ASN A 267 -25.69 8.26 2.03
N THR A 268 -24.46 8.41 1.48
CA THR A 268 -24.01 9.63 0.76
C THR A 268 -24.17 9.46 -0.75
N HIS A 269 -24.73 8.32 -1.21
CA HIS A 269 -24.96 8.03 -2.64
C HIS A 269 -23.61 8.20 -3.37
N HIS A 270 -22.57 7.59 -2.83
CA HIS A 270 -21.17 7.90 -3.26
C HIS A 270 -20.38 6.60 -3.43
N ASP A 271 -20.05 6.31 -4.68
CA ASP A 271 -19.00 5.35 -5.06
C ASP A 271 -17.68 6.15 -5.07
N MET A 272 -16.89 6.00 -4.01
CA MET A 272 -15.73 6.85 -3.67
C MET A 272 -14.44 6.38 -4.36
N PHE A 273 -14.53 5.36 -5.21
CA PHE A 273 -13.38 4.88 -6.03
C PHE A 273 -12.84 6.06 -6.83
N CYS A 274 -11.51 6.18 -6.93
CA CYS A 274 -10.82 7.19 -7.76
C CYS A 274 -11.08 8.63 -7.26
N PRO A 275 -11.04 8.91 -5.93
CA PRO A 275 -11.33 10.26 -5.43
C PRO A 275 -10.12 11.13 -5.07
N GLY A 276 -10.39 12.41 -4.76
CA GLY A 276 -9.49 13.23 -3.95
C GLY A 276 -9.74 12.98 -2.48
N ILE A 277 -8.70 13.07 -1.67
CA ILE A 277 -8.83 12.86 -0.21
C ILE A 277 -8.00 13.92 0.51
N SER A 278 -8.61 14.58 1.48
CA SER A 278 -7.91 15.50 2.39
C SER A 278 -8.51 15.43 3.78
N GLN A 279 -7.65 15.63 4.76
CA GLN A 279 -8.06 15.70 6.17
C GLN A 279 -8.29 17.18 6.54
N LEU A 280 -9.48 17.47 7.06
CA LEU A 280 -9.84 18.84 7.50
C LEU A 280 -9.23 19.12 8.88
N GLU A 281 -9.24 20.40 9.25
CA GLU A 281 -8.72 20.90 10.55
C GLU A 281 -9.21 20.03 11.70
N ASP A 282 -10.47 19.60 11.70
CA ASP A 282 -11.11 18.92 12.84
C ASP A 282 -10.90 17.41 12.72
N GLY A 283 -10.13 16.94 11.73
CA GLY A 283 -9.79 15.52 11.55
C GLY A 283 -10.86 14.79 10.76
N ARG A 284 -11.92 15.49 10.30
CA ARG A 284 -12.88 14.88 9.36
C ARG A 284 -12.17 14.65 8.02
N ILE A 285 -12.59 13.62 7.30
CA ILE A 285 -11.92 13.18 6.05
C ILE A 285 -12.86 13.52 4.92
N LEU A 286 -12.38 14.36 4.00
CA LEU A 286 -13.17 14.86 2.86
C LEU A 286 -12.84 13.96 1.67
N ILE A 287 -13.82 13.21 1.20
CA ILE A 287 -13.63 12.25 0.08
C ILE A 287 -14.42 12.76 -1.12
N GLN A 288 -13.73 13.03 -2.22
CA GLN A 288 -14.26 13.92 -3.27
C GLN A 288 -14.31 13.21 -4.61
N GLY A 289 -15.51 13.12 -5.19
CA GLY A 289 -15.69 12.64 -6.57
C GLY A 289 -15.26 11.20 -6.73
N GLY A 290 -14.67 10.90 -7.87
CA GLY A 290 -14.38 9.51 -8.28
C GLY A 290 -15.55 8.97 -9.12
N SER A 291 -15.97 7.74 -8.83
CA SER A 291 -16.98 7.00 -9.64
C SER A 291 -18.28 7.81 -9.64
N ASP A 292 -18.71 8.30 -8.49
CA ASP A 292 -19.74 9.38 -8.44
C ASP A 292 -19.00 10.74 -8.45
N ALA A 293 -18.78 11.27 -9.65
CA ALA A 293 -17.70 12.23 -9.94
C ALA A 293 -18.00 13.62 -9.34
N ASP A 294 -19.28 13.94 -9.06
CA ASP A 294 -19.61 15.27 -8.50
C ASP A 294 -20.02 15.15 -7.02
N THR A 295 -19.93 13.96 -6.43
CA THR A 295 -20.39 13.71 -5.05
C THR A 295 -19.25 13.87 -4.04
N VAL A 296 -19.58 14.38 -2.87
CA VAL A 296 -18.58 14.57 -1.79
C VAL A 296 -19.11 13.96 -0.51
N SER A 297 -18.24 13.20 0.19
CA SER A 297 -18.58 12.57 1.48
C SER A 297 -17.60 13.05 2.51
N ILE A 298 -18.09 13.23 3.72
CA ILE A 298 -17.24 13.66 4.87
C ILE A 298 -17.30 12.57 5.92
N TYR A 299 -16.15 11.97 6.23
CA TYR A 299 -16.03 10.96 7.29
C TYR A 299 -15.77 11.69 8.59
N ASP A 300 -16.59 11.42 9.61
CA ASP A 300 -16.40 12.03 10.95
C ASP A 300 -15.91 10.94 11.89
N PRO A 301 -14.65 10.99 12.31
CA PRO A 301 -14.11 10.02 13.24
C PRO A 301 -14.89 9.97 14.56
N ALA A 302 -15.52 11.09 14.98
CA ALA A 302 -16.23 11.18 16.29
C ALA A 302 -17.47 10.29 16.27
N THR A 303 -18.11 10.14 15.11
CA THR A 303 -19.38 9.39 14.94
C THR A 303 -19.15 8.06 14.23
N ASN A 304 -18.03 7.89 13.51
CA ASN A 304 -17.76 6.75 12.61
C ASN A 304 -18.78 6.75 11.47
N GLU A 305 -19.33 7.92 11.13
CA GLU A 305 -20.35 8.05 10.07
C GLU A 305 -19.90 9.02 8.97
N PHE A 306 -20.51 8.84 7.81
CA PHE A 306 -20.33 9.69 6.61
C PHE A 306 -21.55 10.60 6.46
N THR A 307 -21.29 11.86 6.11
CA THR A 307 -22.32 12.86 5.74
C THR A 307 -22.01 13.36 4.35
N ARG A 308 -23.04 13.77 3.65
CA ARG A 308 -22.95 14.36 2.32
C ARG A 308 -22.24 15.72 2.49
N GLY A 309 -21.25 16.00 1.65
CA GLY A 309 -20.76 17.39 1.53
C GLY A 309 -21.54 18.08 0.43
N PRO A 310 -21.32 19.38 0.16
CA PRO A 310 -21.84 20.00 -1.06
C PRO A 310 -21.13 19.37 -2.27
N ASN A 311 -21.88 19.21 -3.35
CA ASN A 311 -21.36 18.77 -4.66
C ASN A 311 -20.21 19.71 -5.05
N MET A 312 -19.19 19.17 -5.71
CA MET A 312 -18.08 19.99 -6.25
C MET A 312 -18.62 20.87 -7.37
N THR A 313 -18.00 22.01 -7.62
CA THR A 313 -18.40 22.86 -8.75
C THR A 313 -18.16 22.12 -10.09
N LEU A 314 -17.14 21.25 -10.19
CA LEU A 314 -16.85 20.46 -11.43
C LEU A 314 -16.78 18.99 -11.02
N ALA A 315 -17.37 18.09 -11.78
CA ALA A 315 -17.27 16.64 -11.48
C ALA A 315 -15.84 16.20 -11.83
N ARG A 316 -15.21 15.39 -11.01
CA ARG A 316 -13.78 15.02 -11.15
C ARG A 316 -13.54 13.60 -10.66
N GLY A 317 -12.51 12.96 -11.21
CA GLY A 317 -11.91 11.74 -10.63
C GLY A 317 -10.42 11.68 -10.94
N TYR A 318 -9.67 11.03 -10.05
CA TYR A 318 -8.20 10.86 -10.10
C TYR A 318 -7.53 12.20 -9.84
N GLN A 319 -8.28 13.17 -9.29
CA GLN A 319 -7.69 14.48 -8.94
C GLN A 319 -6.95 14.32 -7.61
N THR A 320 -6.06 15.26 -7.30
CA THR A 320 -5.50 15.43 -5.94
C THR A 320 -6.17 16.64 -5.27
N SER A 321 -6.40 16.52 -3.97
CA SER A 321 -6.81 17.64 -3.10
C SER A 321 -5.71 17.86 -2.06
N CYS A 322 -5.55 19.09 -1.57
CA CYS A 322 -4.67 19.38 -0.43
C CYS A 322 -5.35 20.36 0.52
N THR A 323 -5.24 20.03 1.79
CA THR A 323 -5.60 20.95 2.89
C THR A 323 -4.61 22.12 2.87
N LEU A 324 -5.14 23.32 3.07
CA LEU A 324 -4.35 24.57 3.05
C LEU A 324 -4.06 25.03 4.49
N SER A 325 -3.23 26.04 4.62
CA SER A 325 -2.83 26.70 5.87
C SER A 325 -4.06 27.25 6.61
N ASN A 326 -5.15 27.56 5.91
CA ASN A 326 -6.37 28.17 6.49
C ASN A 326 -7.48 27.13 6.61
N GLY A 327 -7.18 25.84 6.42
CA GLY A 327 -8.19 24.78 6.66
C GLY A 327 -9.08 24.55 5.45
N LYS A 328 -8.96 25.38 4.42
CA LYS A 328 -9.67 25.15 3.15
C LYS A 328 -8.98 24.02 2.38
N VAL A 329 -9.64 23.46 1.39
CA VAL A 329 -9.08 22.35 0.57
C VAL A 329 -9.15 22.75 -0.89
N PHE A 330 -7.97 22.75 -1.50
CA PHE A 330 -7.80 23.04 -2.92
C PHE A 330 -7.76 21.72 -3.69
N THR A 331 -8.31 21.72 -4.90
CA THR A 331 -8.14 20.56 -5.82
C THR A 331 -8.02 21.09 -7.24
N ILE A 332 -7.32 20.35 -8.09
CA ILE A 332 -7.23 20.68 -9.54
C ILE A 332 -7.12 19.38 -10.30
N GLY A 333 -7.52 19.40 -11.57
CA GLY A 333 -7.43 18.19 -12.41
C GLY A 333 -8.56 17.23 -12.09
N GLY A 334 -8.44 15.99 -12.55
CA GLY A 334 -9.52 15.00 -12.40
C GLY A 334 -10.29 14.68 -13.68
N ALA A 335 -9.64 14.51 -14.85
CA ALA A 335 -10.32 14.16 -16.11
C ALA A 335 -10.77 12.67 -16.16
N TYR A 336 -10.43 11.84 -15.17
CA TYR A 336 -10.75 10.39 -15.19
C TYR A 336 -12.27 10.16 -15.31
N SER A 337 -13.07 10.93 -14.58
CA SER A 337 -14.55 10.82 -14.52
C SER A 337 -15.16 12.22 -14.61
N GLY A 338 -16.50 12.32 -14.69
CA GLY A 338 -17.15 13.58 -15.10
C GLY A 338 -16.87 13.81 -16.58
N GLU A 339 -16.82 15.04 -17.02
CA GLU A 339 -16.46 15.33 -18.44
C GLU A 339 -15.01 14.93 -18.67
N ARG A 340 -14.67 14.51 -19.88
N ARG A 340 -14.67 14.49 -19.88
CA ARG A 340 -13.32 13.99 -20.20
CA ARG A 340 -13.32 13.96 -20.20
C ARG A 340 -12.51 15.14 -20.79
C ARG A 340 -12.51 15.13 -20.78
N VAL A 341 -12.28 16.16 -19.95
CA VAL A 341 -11.60 17.42 -20.32
C VAL A 341 -10.74 17.84 -19.12
N GLY A 342 -9.77 18.72 -19.32
CA GLY A 342 -9.00 19.29 -18.21
C GLY A 342 -9.90 20.02 -17.24
N LYS A 343 -9.57 19.97 -15.95
CA LYS A 343 -10.38 20.50 -14.83
C LYS A 343 -9.57 21.56 -14.10
N ASN A 344 -10.02 22.80 -14.20
CA ASN A 344 -9.50 23.93 -13.41
C ASN A 344 -9.71 23.66 -11.91
N GLY A 345 -9.07 24.49 -11.11
CA GLY A 345 -9.11 24.41 -9.65
C GLY A 345 -10.44 24.77 -9.08
N GLU A 346 -10.64 24.34 -7.85
CA GLU A 346 -11.73 24.79 -6.98
C GLU A 346 -11.27 24.62 -5.54
N VAL A 347 -12.00 25.23 -4.62
CA VAL A 347 -11.63 25.24 -3.19
C VAL A 347 -12.91 25.05 -2.37
N TYR A 348 -12.77 24.21 -1.37
CA TYR A 348 -13.79 23.89 -0.37
C TYR A 348 -13.46 24.65 0.90
N ASP A 349 -14.48 25.34 1.43
CA ASP A 349 -14.43 26.02 2.74
C ASP A 349 -15.34 25.24 3.70
N PRO A 350 -14.78 24.50 4.68
CA PRO A 350 -15.60 23.69 5.57
C PRO A 350 -16.45 24.53 6.54
N VAL A 351 -16.07 25.79 6.76
CA VAL A 351 -16.82 26.72 7.66
C VAL A 351 -18.04 27.26 6.91
N ALA A 352 -17.88 27.81 5.70
CA ALA A 352 -19.03 28.20 4.86
C ALA A 352 -19.76 26.93 4.41
N ASN A 353 -19.05 25.81 4.34
CA ASN A 353 -19.55 24.53 3.77
C ASN A 353 -19.93 24.76 2.30
N ALA A 354 -18.95 25.22 1.53
CA ALA A 354 -19.14 25.64 0.13
C ALA A 354 -17.91 25.30 -0.69
N TRP A 355 -18.14 25.01 -1.95
CA TRP A 355 -17.13 24.94 -3.01
C TRP A 355 -17.16 26.22 -3.84
N THR A 356 -16.00 26.76 -4.14
CA THR A 356 -15.85 27.87 -5.10
C THR A 356 -14.98 27.44 -6.29
N TYR A 357 -15.49 27.63 -7.51
CA TYR A 357 -14.78 27.36 -8.76
C TYR A 357 -13.65 28.36 -8.94
N LEU A 358 -12.47 27.89 -9.35
CA LEU A 358 -11.30 28.79 -9.53
C LEU A 358 -10.79 28.65 -10.96
N PRO A 359 -11.45 29.28 -11.95
CA PRO A 359 -10.99 29.19 -13.36
C PRO A 359 -9.56 29.74 -13.56
N GLY A 360 -9.10 30.70 -12.76
CA GLY A 360 -7.71 31.24 -12.84
C GLY A 360 -6.67 30.22 -12.36
N ALA A 361 -7.11 29.21 -11.61
CA ALA A 361 -6.27 28.04 -11.26
C ALA A 361 -6.29 27.08 -12.44
N ASP A 362 -5.56 27.46 -13.49
CA ASP A 362 -5.64 26.90 -14.87
C ASP A 362 -4.96 25.53 -14.88
N PHE A 363 -5.66 24.49 -15.37
CA PHE A 363 -5.11 23.13 -15.47
C PHE A 363 -4.01 23.08 -16.50
N ARG A 364 -3.99 24.00 -17.47
CA ARG A 364 -3.11 23.77 -18.66
C ARG A 364 -1.64 23.68 -18.24
N PRO A 365 -1.11 24.58 -17.40
CA PRO A 365 0.30 24.51 -17.04
C PRO A 365 0.69 23.19 -16.36
N MET A 366 -0.25 22.51 -15.71
CA MET A 366 0.11 21.29 -14.92
C MET A 366 -0.14 20.02 -15.75
N LEU A 367 -0.59 20.11 -17.00
CA LEU A 367 -0.78 18.88 -17.83
C LEU A 367 0.53 18.14 -18.09
N THR A 368 0.51 16.82 -17.98
CA THR A 368 1.51 15.95 -18.66
C THR A 368 1.14 15.90 -20.13
N ASN A 369 2.04 15.31 -20.92
CA ASN A 369 1.80 14.84 -22.30
C ASN A 369 1.62 13.34 -22.19
N ASP A 370 0.40 12.85 -22.39
CA ASP A 370 0.12 11.41 -22.23
C ASP A 370 -0.35 10.85 -23.57
N HIS A 371 0.12 9.66 -23.96
CA HIS A 371 -0.35 8.93 -25.16
C HIS A 371 -1.85 8.65 -25.07
N GLU A 372 -2.47 8.60 -23.88
CA GLU A 372 -3.93 8.44 -23.76
C GLU A 372 -4.64 9.80 -23.74
N GLY A 373 -3.93 10.90 -23.87
CA GLY A 373 -4.56 12.23 -23.99
C GLY A 373 -5.08 12.78 -22.66
N ILE A 374 -5.96 13.78 -22.75
CA ILE A 374 -6.39 14.65 -21.61
C ILE A 374 -6.97 13.79 -20.48
N TRP A 375 -7.63 12.66 -20.78
CA TRP A 375 -8.15 11.71 -19.76
C TRP A 375 -7.13 11.53 -18.60
N ARG A 376 -5.85 11.44 -18.93
CA ARG A 376 -4.73 11.13 -17.98
C ARG A 376 -4.02 12.41 -17.50
N GLU A 377 -4.00 13.48 -18.28
CA GLU A 377 -2.89 14.47 -18.20
C GLU A 377 -2.98 15.33 -16.94
N ASP A 378 -4.15 15.47 -16.36
CA ASP A 378 -4.40 16.38 -15.21
C ASP A 378 -4.57 15.54 -13.94
N ASN A 379 -4.21 14.26 -14.00
CA ASN A 379 -4.47 13.31 -12.88
C ASN A 379 -3.34 13.42 -11.83
N HIS A 380 -3.69 13.16 -10.57
CA HIS A 380 -2.75 12.81 -9.48
C HIS A 380 -1.68 13.89 -9.34
N ALA A 381 -2.05 15.17 -9.30
CA ALA A 381 -1.07 16.27 -9.10
C ALA A 381 -0.37 16.10 -7.74
N TRP A 382 0.91 16.45 -7.68
CA TRP A 382 1.70 16.39 -6.43
C TRP A 382 1.47 17.71 -5.68
N LEU A 383 0.42 17.78 -4.86
CA LEU A 383 -0.04 19.08 -4.29
C LEU A 383 0.32 19.16 -2.81
N PHE A 384 0.78 20.34 -2.40
CA PHE A 384 1.13 20.62 -0.99
C PHE A 384 0.58 22.00 -0.61
N GLY A 385 -0.16 22.04 0.49
CA GLY A 385 -0.57 23.29 1.12
C GLY A 385 0.66 23.97 1.68
N TRP A 386 0.82 25.27 1.47
CA TRP A 386 2.05 25.97 1.94
C TRP A 386 1.64 27.36 2.47
N LYS A 387 2.61 28.25 2.61
CA LYS A 387 2.45 29.52 3.35
C LYS A 387 1.36 30.39 2.70
N ASN A 388 0.54 31.06 3.53
CA ASN A 388 -0.42 32.13 3.13
C ASN A 388 -1.46 31.55 2.18
N GLY A 389 -1.83 30.28 2.35
CA GLY A 389 -2.92 29.68 1.55
C GLY A 389 -2.44 29.30 0.17
N SER A 390 -1.13 29.26 -0.04
CA SER A 390 -0.56 28.84 -1.34
C SER A 390 -0.65 27.31 -1.54
N ILE A 391 -0.52 26.87 -2.79
CA ILE A 391 -0.39 25.45 -3.19
C ILE A 391 0.85 25.30 -4.05
N PHE A 392 1.72 24.36 -3.69
CA PHE A 392 2.86 23.95 -4.51
C PHE A 392 2.45 22.70 -5.28
N GLN A 393 2.65 22.73 -6.59
CA GLN A 393 2.43 21.55 -7.48
C GLN A 393 3.80 21.11 -7.99
N ALA A 394 4.29 19.99 -7.45
CA ALA A 394 5.68 19.50 -7.61
C ALA A 394 5.82 18.60 -8.84
N GLY A 395 4.69 18.23 -9.47
CA GLY A 395 4.62 17.22 -10.54
C GLY A 395 3.17 16.70 -10.64
N PRO A 396 2.95 15.62 -11.38
CA PRO A 396 4.03 14.90 -12.10
C PRO A 396 4.56 15.55 -13.40
N SER A 397 3.88 16.60 -13.87
CA SER A 397 4.34 17.36 -15.05
C SER A 397 5.81 17.76 -14.85
N LYS A 398 6.57 17.74 -15.94
CA LYS A 398 7.99 18.21 -16.01
C LYS A 398 8.16 19.48 -15.18
N ASP A 399 7.27 20.45 -15.40
CA ASP A 399 7.35 21.76 -14.72
C ASP A 399 6.51 21.78 -13.44
N GLN A 400 7.04 22.48 -12.42
CA GLN A 400 6.37 22.72 -11.12
C GLN A 400 5.72 24.10 -11.15
N HIS A 401 4.61 24.26 -10.44
CA HIS A 401 3.79 25.48 -10.41
C HIS A 401 3.38 25.78 -8.96
N TRP A 402 3.24 27.07 -8.69
CA TRP A 402 2.44 27.63 -7.60
C TRP A 402 1.01 27.85 -8.05
N TYR A 403 0.06 27.34 -7.28
CA TYR A 403 -1.37 27.64 -7.49
C TYR A 403 -1.80 28.48 -6.30
N GLY A 404 -2.86 29.25 -6.48
CA GLY A 404 -3.46 30.02 -5.38
C GLY A 404 -4.95 30.17 -5.57
N ILE A 405 -5.61 30.62 -4.53
CA ILE A 405 -7.09 30.70 -4.47
C ILE A 405 -7.59 32.17 -4.44
N GLN A 406 -6.69 33.14 -4.53
CA GLN A 406 -7.10 34.59 -4.48
C GLN A 406 -7.67 34.95 -5.85
N GLY A 407 -8.57 35.94 -5.81
N GLY A 407 -8.63 35.87 -5.91
CA GLY A 407 -9.51 36.28 -6.88
CA GLY A 407 -9.05 36.52 -7.18
C GLY A 407 -10.23 35.05 -7.39
C GLY A 407 -9.39 35.57 -8.32
N ASN A 408 -10.04 34.76 -8.67
N ASN A 408 -10.20 34.54 -8.06
CA ASN A 408 -10.60 33.59 -9.38
CA ASN A 408 -10.68 33.56 -9.05
C ASN A 408 -9.55 32.48 -9.43
C ASN A 408 -9.60 32.49 -9.33
N GLY A 409 -8.43 32.60 -8.68
CA GLY A 409 -7.35 31.62 -8.68
C GLY A 409 -6.15 32.11 -9.46
N THR A 410 -4.99 31.57 -9.17
CA THR A 410 -3.71 31.95 -9.77
C THR A 410 -2.89 30.71 -10.11
N VAL A 411 -1.98 30.89 -11.05
CA VAL A 411 -0.99 29.87 -11.45
C VAL A 411 0.26 30.60 -11.95
N ALA A 412 1.43 30.05 -11.64
CA ALA A 412 2.75 30.50 -12.16
C ALA A 412 3.74 29.33 -12.12
N LYS A 413 4.66 29.29 -13.08
CA LYS A 413 5.78 28.31 -13.07
C LYS A 413 6.69 28.59 -11.86
N ALA A 414 7.20 27.53 -11.23
CA ALA A 414 8.07 27.61 -10.04
C ALA A 414 9.45 27.05 -10.39
N ALA A 415 9.53 26.04 -11.25
CA ALA A 415 10.79 25.35 -11.57
C ALA A 415 10.53 24.26 -12.60
N THR A 416 11.60 23.72 -13.16
CA THR A 416 11.56 22.51 -14.01
C THR A 416 12.12 21.40 -13.16
N ARG A 417 11.33 20.36 -12.88
CA ARG A 417 11.87 19.21 -12.09
C ARG A 417 12.74 18.31 -12.98
N ASP A 418 12.31 17.99 -14.17
CA ASP A 418 12.91 16.87 -14.94
C ASP A 418 12.66 17.11 -16.42
N ASP A 419 13.22 16.29 -17.32
CA ASP A 419 12.93 16.49 -18.77
C ASP A 419 11.81 15.55 -19.23
N ASP A 420 11.20 14.77 -18.33
CA ASP A 420 9.96 14.05 -18.69
C ASP A 420 8.97 14.06 -17.51
N ASP A 421 7.71 13.83 -17.83
CA ASP A 421 6.58 13.66 -16.88
C ASP A 421 6.86 12.39 -16.07
N ALA A 422 6.39 12.35 -14.82
CA ALA A 422 6.55 11.20 -13.91
C ALA A 422 5.18 10.86 -13.32
N MET A 423 4.21 10.55 -14.18
CA MET A 423 2.85 10.19 -13.72
C MET A 423 2.94 9.07 -12.65
N CYS A 424 2.26 9.25 -11.52
CA CYS A 424 2.18 8.24 -10.41
C CYS A 424 3.56 7.91 -9.86
N GLY A 425 4.45 8.89 -9.91
CA GLY A 425 5.67 8.88 -9.11
C GLY A 425 5.30 9.06 -7.66
N VAL A 426 6.24 8.83 -6.75
CA VAL A 426 5.97 9.03 -5.29
C VAL A 426 6.49 10.40 -4.91
N TRP A 427 5.94 10.98 -3.85
CA TRP A 427 6.31 12.37 -3.47
C TRP A 427 5.88 12.60 -2.05
N VAL A 428 6.71 13.28 -1.29
CA VAL A 428 6.44 13.45 0.17
C VAL A 428 7.20 14.67 0.67
N MET A 429 6.56 15.43 1.56
CA MET A 429 7.19 16.55 2.29
C MET A 429 7.84 15.98 3.55
N TYR A 430 9.12 15.71 3.48
CA TYR A 430 9.84 15.00 4.56
C TYR A 430 10.34 16.00 5.60
N ASP A 431 10.43 17.29 5.24
CA ASP A 431 10.84 18.34 6.19
C ASP A 431 10.14 19.64 5.82
N ALA A 432 8.97 19.83 6.41
CA ALA A 432 8.09 20.98 6.20
C ALA A 432 8.81 22.24 6.69
N VAL A 433 9.59 22.12 7.77
CA VAL A 433 10.27 23.30 8.39
C VAL A 433 11.23 23.90 7.36
N ALA A 434 11.98 23.06 6.64
CA ALA A 434 12.97 23.48 5.63
C ALA A 434 12.38 23.43 4.20
N GLY A 435 11.08 23.20 4.05
CA GLY A 435 10.42 23.24 2.73
C GLY A 435 10.97 22.18 1.81
N LYS A 436 11.18 20.96 2.33
CA LYS A 436 11.87 19.89 1.55
C LYS A 436 10.85 18.82 1.14
N ILE A 437 10.81 18.57 -0.16
CA ILE A 437 9.99 17.56 -0.86
C ILE A 437 10.92 16.60 -1.60
N PHE A 438 10.64 15.32 -1.44
CA PHE A 438 11.36 14.23 -2.12
C PHE A 438 10.37 13.60 -3.07
N SER A 439 10.82 13.32 -4.28
CA SER A 439 10.01 12.58 -5.28
C SER A 439 10.91 11.63 -6.06
N ALA A 440 10.34 10.52 -6.52
CA ALA A 440 11.06 9.45 -7.21
C ALA A 440 10.10 8.65 -8.10
N GLY A 441 10.62 8.09 -9.17
CA GLY A 441 9.89 7.11 -9.99
C GLY A 441 8.76 7.76 -10.75
N GLY A 442 7.78 6.93 -11.13
CA GLY A 442 6.72 7.40 -12.03
C GLY A 442 7.07 7.07 -13.47
N SER A 443 6.17 7.40 -14.39
CA SER A 443 6.36 7.05 -15.82
C SER A 443 5.82 8.20 -16.68
N PRO A 444 6.41 8.39 -17.88
CA PRO A 444 6.03 9.52 -18.72
C PRO A 444 4.57 9.46 -19.16
N ASP A 445 4.05 8.26 -19.36
CA ASP A 445 2.60 8.05 -19.62
C ASP A 445 2.01 7.26 -18.47
N TYR A 446 0.70 7.38 -18.28
CA TYR A 446 -0.04 6.73 -17.17
C TYR A 446 0.17 5.22 -17.26
N THR A 447 0.11 4.66 -18.46
CA THR A 447 0.28 3.20 -18.64
C THR A 447 0.98 2.87 -19.95
N ASP A 448 1.43 1.60 -20.07
CA ASP A 448 2.29 1.10 -21.17
C ASP A 448 3.51 1.98 -21.27
N SER A 449 4.19 2.20 -20.15
CA SER A 449 5.19 3.25 -20.06
C SER A 449 6.30 2.77 -19.15
N PRO A 450 7.55 2.70 -19.64
CA PRO A 450 8.69 2.37 -18.78
C PRO A 450 8.81 3.42 -17.65
N ALA A 451 9.02 2.96 -16.42
CA ALA A 451 9.12 3.85 -15.25
C ALA A 451 10.56 4.34 -15.16
N THR A 452 10.73 5.50 -14.59
CA THR A 452 12.02 6.15 -14.32
C THR A 452 12.55 5.68 -12.97
N GLN A 453 13.88 5.77 -12.84
CA GLN A 453 14.65 5.66 -11.58
C GLN A 453 15.01 7.03 -11.02
N ARG A 454 14.65 8.09 -11.71
CA ARG A 454 15.10 9.44 -11.30
C ARG A 454 14.39 9.86 -10.02
N ALA A 455 15.13 10.58 -9.19
CA ALA A 455 14.66 11.11 -7.89
C ALA A 455 15.22 12.51 -7.69
N HIS A 456 14.49 13.33 -6.95
CA HIS A 456 14.77 14.77 -6.79
C HIS A 456 14.38 15.24 -5.39
N ILE A 457 15.14 16.18 -4.87
CA ILE A 457 14.75 16.97 -3.70
C ILE A 457 14.36 18.35 -4.20
N THR A 458 13.12 18.75 -3.94
CA THR A 458 12.64 20.10 -4.28
C THR A 458 12.65 20.90 -2.98
N THR A 459 13.15 22.14 -3.05
CA THR A 459 13.18 23.03 -1.89
C THR A 459 12.32 24.25 -2.21
N ILE A 460 11.34 24.54 -1.35
CA ILE A 460 10.43 25.70 -1.52
C ILE A 460 10.64 26.64 -0.34
N GLY A 461 10.49 27.95 -0.55
CA GLY A 461 10.52 28.94 0.54
C GLY A 461 9.35 29.88 0.44
N GLU A 462 9.52 30.97 -0.27
CA GLU A 462 8.47 32.01 -0.40
C GLU A 462 7.55 31.51 -1.51
N PRO A 463 6.23 31.36 -1.25
CA PRO A 463 5.32 30.98 -2.34
C PRO A 463 5.45 32.03 -3.46
N ASN A 464 5.22 31.58 -4.70
CA ASN A 464 5.20 32.39 -5.95
C ASN A 464 6.60 32.97 -6.19
N THR A 465 7.63 32.25 -5.78
CA THR A 465 9.05 32.52 -6.12
C THR A 465 9.66 31.20 -6.56
N PRO A 466 10.81 31.22 -7.26
CA PRO A 466 11.36 30.00 -7.81
C PRO A 466 11.53 28.92 -6.75
N ALA A 467 11.32 27.67 -7.14
CA ALA A 467 11.67 26.51 -6.32
C ALA A 467 13.05 26.06 -6.75
N GLU A 468 13.73 25.33 -5.90
CA GLU A 468 15.00 24.69 -6.27
C GLU A 468 14.79 23.18 -6.35
N VAL A 469 15.36 22.57 -7.38
CA VAL A 469 15.30 21.11 -7.67
C VAL A 469 16.72 20.58 -7.82
N GLU A 470 17.07 19.59 -7.01
CA GLU A 470 18.35 18.86 -7.06
C GLU A 470 18.05 17.39 -7.41
N ARG A 471 18.56 16.91 -8.53
CA ARG A 471 18.46 15.48 -8.85
C ARG A 471 19.36 14.73 -7.88
N VAL A 472 18.90 13.62 -7.31
CA VAL A 472 19.74 12.87 -6.34
C VAL A 472 20.03 11.53 -6.98
N ALA A 473 20.71 10.63 -6.27
CA ALA A 473 20.99 9.28 -6.77
C ALA A 473 19.68 8.65 -7.26
N ASP A 474 19.76 7.97 -8.40
CA ASP A 474 18.69 7.12 -8.94
C ASP A 474 18.30 6.07 -7.90
N MET A 475 17.02 5.74 -7.89
CA MET A 475 16.49 4.51 -7.27
C MET A 475 17.18 3.29 -7.87
N GLY A 476 17.32 2.23 -7.09
CA GLY A 476 17.88 0.96 -7.56
C GLY A 476 16.97 0.25 -8.55
N PHE A 477 15.70 0.61 -8.63
CA PHE A 477 14.69 -0.05 -9.48
C PHE A 477 13.80 1.02 -10.09
N PRO A 478 13.41 0.87 -11.38
CA PRO A 478 12.41 1.75 -11.95
C PRO A 478 11.09 1.34 -11.29
N ARG A 479 10.24 2.32 -10.93
CA ARG A 479 8.97 2.02 -10.23
C ARG A 479 7.85 2.88 -10.77
N GLY A 480 6.87 2.25 -11.41
CA GLY A 480 5.56 2.89 -11.63
C GLY A 480 4.55 2.35 -10.64
N PHE A 481 3.69 3.23 -10.12
CA PHE A 481 2.59 2.96 -9.17
C PHE A 481 3.16 2.49 -7.83
N ALA A 482 4.34 2.99 -7.44
CA ALA A 482 4.89 2.76 -6.08
C ALA A 482 4.17 3.67 -5.06
N ASN A 483 4.48 3.46 -3.78
CA ASN A 483 3.96 4.29 -2.67
C ASN A 483 5.15 4.72 -1.81
N ALA A 484 5.01 5.82 -1.10
CA ALA A 484 6.07 6.34 -0.22
C ALA A 484 5.46 6.92 1.05
N VAL A 485 6.22 6.78 2.12
CA VAL A 485 5.90 7.45 3.41
C VAL A 485 7.18 8.04 3.96
N VAL A 486 7.03 9.15 4.69
CA VAL A 486 8.13 9.70 5.52
C VAL A 486 8.00 9.05 6.90
N LEU A 487 9.13 8.67 7.48
CA LEU A 487 9.28 8.08 8.84
C LEU A 487 9.76 9.16 9.81
N PRO A 488 9.68 8.91 11.13
CA PRO A 488 10.09 9.90 12.13
C PRO A 488 11.50 10.50 11.97
N ASP A 489 12.46 9.73 11.46
CA ASP A 489 13.86 10.17 11.27
C ASP A 489 14.02 10.96 9.97
N GLY A 490 12.96 11.15 9.18
CA GLY A 490 13.01 11.97 7.96
C GLY A 490 13.36 11.15 6.73
N GLN A 491 13.63 9.87 6.89
CA GLN A 491 13.89 8.96 5.75
C GLN A 491 12.56 8.67 5.06
N VAL A 492 12.63 8.30 3.79
CA VAL A 492 11.44 8.01 2.95
C VAL A 492 11.51 6.56 2.49
N LEU A 493 10.50 5.78 2.87
CA LEU A 493 10.37 4.39 2.44
C LEU A 493 9.48 4.35 1.19
N VAL A 494 10.07 3.87 0.11
CA VAL A 494 9.37 3.57 -1.16
C VAL A 494 9.09 2.08 -1.24
N THR A 495 7.83 1.72 -1.49
CA THR A 495 7.34 0.33 -1.48
C THR A 495 6.67 0.06 -2.82
N GLY A 496 6.89 -1.13 -3.35
CA GLY A 496 6.18 -1.67 -4.53
C GLY A 496 6.43 -0.86 -5.78
N GLY A 497 5.43 -0.81 -6.64
CA GLY A 497 5.60 -0.31 -8.00
C GLY A 497 6.26 -1.36 -8.90
N GLN A 498 6.25 -1.10 -10.21
CA GLN A 498 6.67 -2.10 -11.24
C GLN A 498 7.56 -1.42 -12.28
N ARG A 499 8.37 -2.21 -13.00
CA ARG A 499 9.42 -1.67 -13.86
C ARG A 499 8.79 -0.86 -15.00
N MET A 500 7.61 -1.29 -15.46
CA MET A 500 6.84 -0.62 -16.52
C MET A 500 5.42 -0.46 -16.01
N SER A 501 4.91 0.76 -16.04
CA SER A 501 3.50 1.03 -15.66
C SER A 501 2.60 0.25 -16.61
N LEU A 502 1.83 -0.68 -16.07
CA LEU A 502 0.88 -1.55 -16.81
C LEU A 502 -0.32 -1.72 -15.87
N VAL A 503 -1.31 -0.84 -16.00
CA VAL A 503 -2.46 -0.85 -15.05
C VAL A 503 -3.02 -2.27 -14.93
N PHE A 504 -3.31 -2.68 -13.70
CA PHE A 504 -4.00 -3.94 -13.35
C PHE A 504 -3.10 -5.14 -13.63
N THR A 505 -1.78 -5.00 -13.48
CA THR A 505 -0.87 -6.17 -13.60
C THR A 505 0.01 -6.32 -12.37
N ASN A 506 0.51 -7.54 -12.19
CA ASN A 506 1.59 -7.84 -11.20
C ASN A 506 2.97 -7.64 -11.84
N THR A 507 2.99 -7.58 -13.16
CA THR A 507 4.16 -7.75 -14.05
C THR A 507 5.34 -6.93 -13.55
N ASP A 508 6.42 -7.63 -13.20
CA ASP A 508 7.70 -6.99 -12.83
C ASP A 508 7.44 -6.05 -11.66
N GLY A 509 6.58 -6.45 -10.73
CA GLY A 509 6.41 -5.75 -9.43
C GLY A 509 7.70 -5.85 -8.64
N ILE A 510 8.19 -4.73 -8.14
CA ILE A 510 9.42 -4.74 -7.31
C ILE A 510 9.00 -5.13 -5.91
N LEU A 511 9.61 -6.15 -5.32
CA LEU A 511 9.27 -6.54 -3.91
C LEU A 511 10.22 -5.88 -2.91
N VAL A 512 11.46 -5.64 -3.32
CA VAL A 512 12.48 -4.96 -2.48
C VAL A 512 11.99 -3.53 -2.22
N ALA A 513 11.83 -3.16 -0.95
CA ALA A 513 11.57 -1.77 -0.58
C ALA A 513 12.91 -1.05 -0.59
N GLU A 514 12.86 0.27 -0.80
CA GLU A 514 14.02 1.16 -0.70
C GLU A 514 13.77 2.31 0.29
N LEU A 515 14.78 2.57 1.09
CA LEU A 515 14.83 3.67 2.07
C LEU A 515 15.75 4.73 1.53
N PHE A 516 15.24 5.94 1.29
CA PHE A 516 16.08 7.09 0.91
C PHE A 516 16.36 7.96 2.13
N ASN A 517 17.63 8.26 2.32
CA ASN A 517 18.10 9.06 3.47
C ASN A 517 18.47 10.42 2.93
N PRO A 518 17.64 11.46 3.14
CA PRO A 518 18.00 12.80 2.67
C PRO A 518 19.29 13.38 3.28
N GLU A 519 19.67 12.99 4.50
CA GLU A 519 20.93 13.46 5.15
C GLU A 519 22.15 13.03 4.30
N THR A 520 22.18 11.81 3.80
CA THR A 520 23.27 11.29 2.94
C THR A 520 22.90 11.34 1.44
N ARG A 521 21.64 11.59 1.07
CA ARG A 521 21.15 11.59 -0.35
C ARG A 521 21.42 10.23 -1.01
N GLU A 522 21.35 9.16 -0.19
N GLU A 522 21.36 9.13 -0.26
CA GLU A 522 21.71 7.74 -0.46
CA GLU A 522 21.60 7.80 -0.85
C GLU A 522 20.45 6.85 -0.38
C GLU A 522 20.50 6.85 -0.41
N TRP A 523 20.38 5.78 -1.19
CA TRP A 523 19.37 4.74 -1.05
C TRP A 523 19.98 3.54 -0.35
N LYS A 524 19.14 2.79 0.35
CA LYS A 524 19.46 1.44 0.85
C LYS A 524 18.30 0.55 0.48
N GLN A 525 18.62 -0.67 0.07
CA GLN A 525 17.61 -1.70 -0.23
C GLN A 525 17.21 -2.40 1.07
N MET A 526 15.91 -2.59 1.26
CA MET A 526 15.33 -3.21 2.48
C MET A 526 14.97 -4.65 2.16
N ALA A 527 14.49 -5.39 3.15
CA ALA A 527 13.89 -6.73 2.96
C ALA A 527 12.78 -6.64 1.92
N PRO A 528 12.52 -7.75 1.19
CA PRO A 528 11.42 -7.78 0.22
C PRO A 528 10.08 -8.15 0.85
N MET A 529 9.02 -7.49 0.37
CA MET A 529 7.65 -7.86 0.75
C MET A 529 7.27 -9.09 -0.09
N ALA A 530 6.14 -9.69 0.23
CA ALA A 530 5.73 -10.96 -0.40
C ALA A 530 4.90 -10.69 -1.64
N VAL A 531 4.15 -9.59 -1.73
CA VAL A 531 3.10 -9.42 -2.79
C VAL A 531 3.41 -8.16 -3.56
N PRO A 532 3.35 -8.19 -4.91
CA PRO A 532 3.58 -7.00 -5.71
C PRO A 532 2.46 -5.98 -5.38
N ARG A 533 2.85 -4.71 -5.25
CA ARG A 533 1.93 -3.60 -4.90
C ARG A 533 2.09 -2.56 -5.98
N ASN A 534 1.28 -2.68 -7.02
CA ASN A 534 1.36 -1.87 -8.25
C ASN A 534 0.11 -1.00 -8.29
N TYR A 535 -0.55 -0.97 -9.44
CA TYR A 535 -1.76 -0.16 -9.60
C TYR A 535 -2.78 -0.58 -8.53
N HIS A 536 -3.38 0.42 -7.89
CA HIS A 536 -4.45 0.29 -6.86
C HIS A 536 -3.91 -0.31 -5.56
N SER A 537 -2.61 -0.16 -5.28
CA SER A 537 -2.01 -0.39 -3.96
C SER A 537 -1.84 0.93 -3.18
N VAL A 538 -1.46 0.79 -1.92
CA VAL A 538 -1.27 1.92 -0.98
C VAL A 538 -0.07 1.57 -0.11
N SER A 539 0.52 2.58 0.53
CA SER A 539 1.29 2.47 1.78
C SER A 539 0.86 3.61 2.70
N ILE A 540 1.09 3.45 3.98
CA ILE A 540 0.68 4.43 5.01
C ILE A 540 1.44 4.14 6.30
N LEU A 541 1.77 5.19 7.00
CA LEU A 541 2.54 5.12 8.28
C LEU A 541 1.57 4.81 9.41
N LEU A 542 1.90 3.80 10.21
CA LEU A 542 1.14 3.40 11.42
C LEU A 542 1.76 4.11 12.62
N PRO A 543 0.99 4.23 13.73
CA PRO A 543 1.45 4.95 14.90
C PRO A 543 2.64 4.32 15.65
N ASP A 544 2.99 3.06 15.36
CA ASP A 544 4.23 2.44 15.91
C ASP A 544 5.41 2.63 14.95
N ALA A 545 5.30 3.53 13.98
CA ALA A 545 6.40 3.86 13.03
C ALA A 545 6.74 2.68 12.10
N THR A 546 5.80 1.78 11.88
CA THR A 546 5.83 0.72 10.85
C THR A 546 4.98 1.17 9.67
N VAL A 547 5.12 0.50 8.55
CA VAL A 547 4.49 0.93 7.27
C VAL A 547 3.59 -0.20 6.80
N PHE A 548 2.31 0.07 6.67
CA PHE A 548 1.34 -0.83 6.01
C PHE A 548 1.42 -0.66 4.50
N SER A 549 1.68 -1.77 3.79
CA SER A 549 1.69 -1.88 2.31
C SER A 549 0.58 -2.84 1.92
N GLY A 550 -0.32 -2.48 1.01
CA GLY A 550 -1.44 -3.38 0.70
C GLY A 550 -2.16 -3.00 -0.58
N GLY A 551 -3.13 -3.82 -0.94
CA GLY A 551 -3.97 -3.59 -2.12
C GLY A 551 -3.26 -4.01 -3.40
N GLY A 552 -3.81 -3.55 -4.50
CA GLY A 552 -3.48 -3.90 -5.89
C GLY A 552 -4.62 -4.66 -6.56
N GLY A 553 -4.82 -4.39 -7.85
CA GLY A 553 -5.81 -5.03 -8.73
C GLY A 553 -7.06 -4.20 -8.89
N MET A 554 -8.21 -4.85 -8.67
CA MET A 554 -9.59 -4.46 -9.05
C MET A 554 -9.81 -4.84 -10.50
N CYS A 555 -11.04 -5.26 -10.76
CA CYS A 555 -11.57 -5.62 -12.08
C CYS A 555 -12.59 -4.56 -12.49
N TRP A 556 -12.51 -4.04 -13.71
CA TRP A 556 -13.59 -3.23 -14.35
C TRP A 556 -14.70 -4.15 -14.85
N VAL A 557 -15.94 -3.91 -14.46
CA VAL A 557 -17.12 -4.51 -15.18
C VAL A 557 -18.07 -3.39 -15.56
N GLN A 558 -18.74 -3.55 -16.70
CA GLN A 558 -19.55 -2.51 -17.38
C GLN A 558 -20.59 -2.00 -16.38
N ASN A 559 -21.30 -2.88 -15.68
CA ASN A 559 -22.47 -2.46 -14.89
C ASN A 559 -22.37 -2.94 -13.46
N VAL A 560 -22.88 -2.11 -12.55
CA VAL A 560 -23.02 -2.40 -11.10
C VAL A 560 -23.78 -3.73 -10.99
N GLY A 561 -23.24 -4.69 -10.23
CA GLY A 561 -23.83 -6.02 -10.05
C GLY A 561 -23.39 -7.05 -11.08
N ASP A 562 -22.71 -6.68 -12.18
CA ASP A 562 -22.20 -7.68 -13.15
C ASP A 562 -21.30 -8.69 -12.42
N SER A 563 -21.19 -9.90 -12.99
CA SER A 563 -20.34 -10.99 -12.47
C SER A 563 -18.86 -10.62 -12.68
N THR A 564 -18.04 -10.88 -11.67
CA THR A 564 -16.55 -10.72 -11.74
C THR A 564 -15.86 -12.03 -12.14
N ALA A 565 -16.61 -13.12 -12.43
CA ALA A 565 -16.05 -14.48 -12.65
C ALA A 565 -15.06 -14.47 -13.82
N GLY A 566 -15.26 -13.64 -14.83
CA GLY A 566 -14.32 -13.48 -15.96
C GLY A 566 -13.09 -12.63 -15.63
N CYS A 567 -12.94 -12.17 -14.38
CA CYS A 567 -11.84 -11.23 -13.98
C CYS A 567 -10.58 -12.03 -13.67
N ASP A 568 -9.40 -11.53 -14.07
CA ASP A 568 -8.11 -12.09 -13.62
C ASP A 568 -7.95 -11.83 -12.11
N LYS A 569 -8.22 -12.82 -11.26
CA LYS A 569 -8.09 -12.67 -9.78
C LYS A 569 -6.62 -12.67 -9.34
N THR A 570 -5.66 -13.07 -10.18
CA THR A 570 -4.24 -13.16 -9.75
C THR A 570 -3.68 -11.76 -9.47
N VAL A 571 -4.32 -10.71 -10.03
CA VAL A 571 -3.78 -9.32 -9.88
C VAL A 571 -4.48 -8.64 -8.69
N ASP A 572 -5.49 -9.27 -8.07
CA ASP A 572 -6.21 -8.67 -6.92
C ASP A 572 -5.53 -9.10 -5.64
N HIS A 573 -5.26 -8.18 -4.72
CA HIS A 573 -4.51 -8.48 -3.48
C HIS A 573 -5.26 -7.82 -2.33
N SER A 574 -6.29 -8.53 -1.89
CA SER A 574 -7.20 -8.07 -0.83
C SER A 574 -6.50 -8.30 0.49
N ASP A 575 -5.37 -7.64 0.69
CA ASP A 575 -4.48 -7.93 1.85
C ASP A 575 -3.46 -6.83 2.03
N GLY A 576 -2.66 -6.96 3.08
CA GLY A 576 -1.54 -6.05 3.33
C GLY A 576 -0.50 -6.73 4.19
N GLU A 577 0.61 -6.03 4.39
CA GLU A 577 1.78 -6.55 5.13
C GLU A 577 2.43 -5.32 5.72
N ILE A 578 3.05 -5.49 6.88
CA ILE A 578 3.55 -4.36 7.69
C ILE A 578 5.05 -4.50 7.80
N PHE A 579 5.76 -3.44 7.45
CA PHE A 579 7.23 -3.39 7.47
C PHE A 579 7.69 -2.73 8.77
N GLU A 580 8.56 -3.42 9.50
CA GLU A 580 9.34 -2.83 10.60
C GLU A 580 10.65 -2.30 10.05
N PRO A 581 10.87 -0.97 10.03
CA PRO A 581 12.16 -0.44 9.58
C PRO A 581 13.36 -0.80 10.46
N PRO A 582 14.59 -0.67 9.90
CA PRO A 582 15.84 -0.92 10.65
C PRO A 582 15.93 -0.27 12.03
N TYR A 583 15.37 0.96 12.19
CA TYR A 583 15.46 1.73 13.44
C TYR A 583 14.70 1.00 14.57
N LEU A 584 13.92 -0.04 14.28
CA LEU A 584 13.24 -0.74 15.39
C LEU A 584 14.15 -1.87 15.95
N PHE A 585 15.34 -2.07 15.39
CA PHE A 585 16.19 -3.26 15.71
C PHE A 585 17.54 -2.81 16.23
N ASN A 586 17.99 -3.48 17.29
CA ASN A 586 19.40 -3.46 17.76
C ASN A 586 20.28 -4.20 16.73
N GLU A 587 21.59 -4.01 16.81
CA GLU A 587 22.59 -4.68 15.92
C GLU A 587 22.47 -6.20 16.02
N ASP A 588 21.92 -6.75 17.10
CA ASP A 588 21.80 -8.24 17.26
C ASP A 588 20.45 -8.71 16.75
N GLY A 589 19.63 -7.82 16.17
CA GLY A 589 18.32 -8.24 15.64
C GLY A 589 17.21 -8.24 16.69
N SER A 590 17.53 -8.00 17.98
CA SER A 590 16.52 -7.83 19.05
C SER A 590 15.77 -6.52 18.78
N ARG A 591 14.57 -6.34 19.30
CA ARG A 591 13.79 -5.08 19.15
C ARG A 591 14.40 -4.02 20.09
N ALA A 592 14.81 -2.88 19.54
CA ALA A 592 15.44 -1.77 20.30
C ALA A 592 14.41 -1.16 21.26
N ALA A 593 14.89 -0.72 22.42
CA ALA A 593 14.06 -0.12 23.49
C ALA A 593 13.53 1.22 22.98
N ARG A 594 12.21 1.36 22.98
CA ARG A 594 11.53 2.57 22.43
C ARG A 594 11.31 3.55 23.56
N PRO A 595 11.56 4.84 23.34
CA PRO A 595 11.07 5.86 24.24
C PRO A 595 9.57 5.68 24.45
N VAL A 596 9.08 6.11 25.61
CA VAL A 596 7.62 6.10 25.95
C VAL A 596 7.21 7.54 26.25
N ILE A 597 6.27 8.09 25.49
CA ILE A 597 5.62 9.38 25.82
C ILE A 597 4.56 9.04 26.89
N SER A 598 4.88 9.25 28.18
CA SER A 598 4.08 8.69 29.31
C SER A 598 2.91 9.61 29.63
N ALA A 599 3.03 10.89 29.31
CA ALA A 599 1.99 11.91 29.63
C ALA A 599 2.02 13.01 28.57
N ILE A 600 0.86 13.30 27.99
CA ILE A 600 0.67 14.46 27.07
C ILE A 600 -0.82 14.81 27.11
N SER A 601 -1.15 16.08 27.24
CA SER A 601 -2.57 16.55 27.23
C SER A 601 -3.21 16.19 25.89
N ALA A 602 -4.48 15.81 25.90
CA ALA A 602 -5.31 15.61 24.71
C ALA A 602 -5.84 16.96 24.17
N ASP A 603 -5.44 18.11 24.73
CA ASP A 603 -6.01 19.41 24.29
C ASP A 603 -5.47 19.76 22.91
N PRO A 604 -6.27 20.43 22.05
CA PRO A 604 -5.75 20.93 20.79
C PRO A 604 -4.72 22.01 21.09
N ILE A 605 -3.90 22.31 20.12
CA ILE A 605 -2.78 23.27 20.25
C ILE A 605 -2.70 24.04 18.94
N LYS A 606 -2.27 25.29 19.05
CA LYS A 606 -2.14 26.24 17.93
C LYS A 606 -0.70 26.30 17.51
N ALA A 607 -0.45 26.71 16.27
CA ALA A 607 0.87 27.05 15.74
C ALA A 607 1.51 28.07 16.70
N GLY A 608 2.80 27.93 16.96
CA GLY A 608 3.57 28.86 17.81
C GLY A 608 3.48 28.52 19.30
N ALA A 609 2.51 27.73 19.72
CA ALA A 609 2.39 27.30 21.13
C ALA A 609 3.45 26.25 21.48
N THR A 610 3.60 25.96 22.78
CA THR A 610 4.62 25.04 23.35
C THR A 610 3.92 23.74 23.73
N LEU A 611 4.32 22.67 23.08
CA LEU A 611 3.87 21.30 23.39
C LEU A 611 4.79 20.76 24.48
N THR A 612 4.21 20.19 25.54
CA THR A 612 4.97 19.58 26.66
C THR A 612 4.48 18.14 26.82
N PHE A 613 5.38 17.26 27.18
CA PHE A 613 5.07 15.82 27.32
C PHE A 613 6.18 15.19 28.16
N THR A 614 5.81 14.16 28.90
CA THR A 614 6.76 13.36 29.70
C THR A 614 7.27 12.17 28.85
N VAL A 615 8.60 11.99 28.84
CA VAL A 615 9.30 10.89 28.12
C VAL A 615 10.02 10.00 29.15
N GLU A 616 9.76 8.68 29.11
CA GLU A 616 10.48 7.67 29.95
C GLU A 616 11.18 6.67 29.03
N GLY A 617 12.23 6.01 29.53
CA GLY A 617 12.82 4.81 28.90
C GLY A 617 13.83 5.17 27.82
N VAL A 618 14.45 6.35 27.92
CA VAL A 618 15.50 6.83 26.97
C VAL A 618 16.83 6.98 27.71
N GLU A 619 17.91 6.43 27.14
CA GLU A 619 19.31 6.72 27.52
C GLU A 619 19.75 7.96 26.73
N GLY A 620 19.91 9.08 27.41
CA GLY A 620 20.28 10.38 26.81
C GLY A 620 19.05 11.11 26.33
N GLN A 621 19.23 12.14 25.51
CA GLN A 621 18.15 13.11 25.18
C GLN A 621 17.47 12.70 23.86
N GLY A 622 16.16 12.47 23.92
CA GLY A 622 15.30 12.16 22.77
C GLY A 622 15.20 13.34 21.81
N THR A 623 14.82 13.04 20.56
CA THR A 623 14.40 14.05 19.56
C THR A 623 12.90 13.88 19.33
N ALA A 624 12.28 14.86 18.72
CA ALA A 624 10.82 14.81 18.49
C ALA A 624 10.53 15.32 17.07
N ALA A 625 9.53 14.74 16.47
CA ALA A 625 9.02 15.10 15.14
C ALA A 625 7.52 14.83 15.17
N LEU A 626 6.75 15.68 14.47
CA LEU A 626 5.31 15.48 14.22
C LEU A 626 5.13 14.92 12.81
N ILE A 627 4.26 13.93 12.62
CA ILE A 627 3.98 13.47 11.23
C ILE A 627 2.47 13.47 11.08
N ARG A 628 2.01 14.25 10.11
CA ARG A 628 0.58 14.40 9.83
C ARG A 628 0.03 13.04 9.39
N LEU A 629 -1.11 12.66 9.98
CA LEU A 629 -1.83 11.42 9.67
C LEU A 629 -2.07 11.32 8.14
N GLY A 630 -1.88 10.12 7.59
CA GLY A 630 -1.94 9.89 6.14
C GLY A 630 -3.31 9.51 5.63
N SER A 631 -3.50 9.75 4.33
CA SER A 631 -4.59 9.21 3.52
C SER A 631 -3.98 8.92 2.17
N VAL A 632 -4.41 7.87 1.49
CA VAL A 632 -3.65 7.42 0.29
C VAL A 632 -4.55 6.67 -0.69
N THR A 633 -4.34 6.95 -1.97
CA THR A 633 -4.91 6.19 -3.10
C THR A 633 -4.16 6.59 -4.35
N HIS A 634 -4.02 5.65 -5.30
CA HIS A 634 -3.46 5.90 -6.64
C HIS A 634 -2.10 6.62 -6.56
N SER A 635 -1.22 6.24 -5.65
CA SER A 635 0.16 6.77 -5.47
C SER A 635 0.10 8.23 -5.01
N VAL A 636 -1.01 8.62 -4.39
CA VAL A 636 -1.25 10.00 -3.89
C VAL A 636 -1.56 9.95 -2.38
N ASN A 637 -0.74 10.65 -1.60
CA ASN A 637 -0.93 10.81 -0.14
C ASN A 637 -0.70 12.28 0.13
N SER A 638 -1.75 13.08 0.05
CA SER A 638 -1.66 14.55 0.15
C SER A 638 -1.83 14.99 1.62
N ASP A 639 -1.96 14.07 2.57
CA ASP A 639 -2.21 14.46 3.98
C ASP A 639 -0.92 14.34 4.82
N GLN A 640 -0.03 13.42 4.50
CA GLN A 640 1.20 13.22 5.32
C GLN A 640 2.17 14.38 5.08
N ARG A 641 2.96 14.65 6.09
CA ARG A 641 4.13 15.54 6.04
C ARG A 641 4.85 15.43 7.38
N ARG A 642 6.15 15.61 7.34
CA ARG A 642 6.96 15.59 8.56
C ARG A 642 7.34 17.01 8.95
N VAL A 643 7.10 17.33 10.22
CA VAL A 643 7.49 18.61 10.85
C VAL A 643 8.47 18.31 11.99
N PRO A 644 9.81 18.35 11.76
CA PRO A 644 10.78 18.07 12.84
C PRO A 644 10.68 19.21 13.86
N LEU A 645 10.93 18.88 15.14
CA LEU A 645 10.81 19.81 16.29
C LEU A 645 12.20 19.94 16.95
N ASN A 646 12.46 21.07 17.59
CA ASN A 646 13.57 21.24 18.58
C ASN A 646 12.97 21.06 19.97
N VAL A 647 13.61 20.29 20.85
CA VAL A 647 13.06 20.10 22.22
C VAL A 647 14.06 20.66 23.23
N THR A 648 13.57 20.94 24.44
CA THR A 648 14.38 21.20 25.64
C THR A 648 13.87 20.28 26.73
N VAL A 649 14.77 19.80 27.59
CA VAL A 649 14.44 18.79 28.63
C VAL A 649 14.75 19.36 30.02
N SER A 650 13.80 19.24 30.93
CA SER A 650 13.98 19.40 32.38
C SER A 650 13.58 18.06 33.00
N GLY A 651 14.56 17.24 33.36
CA GLY A 651 14.34 15.86 33.84
C GLY A 651 13.73 14.99 32.75
N ASN A 652 12.52 14.46 32.98
CA ASN A 652 11.78 13.62 32.01
C ASN A 652 10.72 14.49 31.29
N GLU A 653 10.78 15.82 31.46
CA GLU A 653 9.76 16.77 30.95
C GLU A 653 10.31 17.43 29.69
N TYR A 654 9.69 17.13 28.54
CA TYR A 654 10.11 17.64 27.21
C TYR A 654 9.16 18.80 26.83
N SER A 655 9.71 19.78 26.16
CA SER A 655 8.91 20.90 25.61
C SER A 655 9.42 21.25 24.20
N ALA A 656 8.50 21.54 23.31
CA ALA A 656 8.80 21.92 21.91
C ALA A 656 7.88 23.05 21.52
N THR A 657 8.47 24.10 20.98
CA THR A 657 7.75 25.23 20.37
C THR A 657 7.39 24.79 18.95
N LEU A 658 6.09 24.62 18.69
CA LEU A 658 5.53 24.31 17.34
C LEU A 658 5.88 25.46 16.41
N PRO A 659 6.18 25.18 15.12
CA PRO A 659 6.28 26.24 14.11
C PRO A 659 5.05 27.14 14.24
N ASP A 660 5.21 28.42 13.96
CA ASP A 660 4.11 29.41 14.10
C ASP A 660 3.51 29.67 12.70
N ASP A 661 3.90 28.91 11.68
CA ASP A 661 3.38 29.08 10.30
C ASP A 661 2.48 27.87 9.97
N TYR A 662 1.18 28.09 9.79
CA TYR A 662 0.22 27.01 9.40
C TYR A 662 0.49 26.48 7.99
N GLY A 663 1.33 27.14 7.17
CA GLY A 663 1.82 26.65 5.88
C GLY A 663 2.75 25.46 6.05
N ILE A 664 3.46 25.42 7.19
CA ILE A 664 4.44 24.35 7.60
C ILE A 664 3.69 23.35 8.46
N LEU A 665 3.14 23.84 9.57
CA LEU A 665 2.31 23.05 10.48
C LEU A 665 0.85 23.15 10.04
N LEU A 666 0.49 22.43 8.97
CA LEU A 666 -0.91 22.35 8.50
C LEU A 666 -1.79 21.98 9.67
N PRO A 667 -3.00 22.56 9.78
CA PRO A 667 -3.96 22.09 10.77
C PRO A 667 -4.30 20.62 10.60
N GLY A 668 -4.82 20.03 11.66
CA GLY A 668 -5.34 18.66 11.67
C GLY A 668 -4.51 17.79 12.59
N TYR A 669 -4.65 16.48 12.44
CA TYR A 669 -4.13 15.47 13.43
C TYR A 669 -2.78 14.91 13.02
N TYR A 670 -1.88 14.80 13.99
CA TYR A 670 -0.47 14.40 13.85
C TYR A 670 -0.14 13.26 14.81
N TYR A 671 0.83 12.47 14.40
CA TYR A 671 1.62 11.58 15.26
C TYR A 671 2.73 12.41 15.87
N LEU A 672 2.90 12.35 17.20
CA LEU A 672 4.13 12.85 17.85
C LEU A 672 5.02 11.64 18.13
N PHE A 673 6.23 11.64 17.59
CA PHE A 673 7.24 10.57 17.79
C PHE A 673 8.39 11.18 18.55
N VAL A 674 8.77 10.50 19.64
CA VAL A 674 10.06 10.76 20.33
C VAL A 674 10.99 9.60 20.03
N SER A 675 12.17 9.95 19.58
CA SER A 675 13.19 9.01 19.10
C SER A 675 14.43 9.05 20.01
N THR A 676 15.10 7.91 20.17
CA THR A 676 16.40 7.87 20.90
C THR A 676 17.39 8.61 20.03
N PRO A 677 18.57 9.00 20.57
CA PRO A 677 19.62 9.58 19.75
C PRO A 677 20.02 8.67 18.56
N GLN A 678 19.87 7.36 18.71
CA GLN A 678 20.26 6.39 17.64
C GLN A 678 19.13 6.30 16.61
N GLY A 679 17.96 6.89 16.85
CA GLY A 679 16.88 7.02 15.85
C GLY A 679 15.73 6.05 16.07
N THR A 680 15.68 5.37 17.23
CA THR A 680 14.51 4.48 17.51
C THR A 680 13.34 5.33 17.97
N PRO A 681 12.20 5.29 17.24
CA PRO A 681 10.99 6.01 17.66
C PRO A 681 10.07 5.32 18.67
N SER A 682 9.39 6.14 19.46
CA SER A 682 8.30 5.79 20.38
C SER A 682 7.12 5.30 19.56
N ILE A 683 6.19 4.59 20.19
CA ILE A 683 4.77 4.60 19.72
C ILE A 683 4.36 6.08 19.69
N ALA A 684 3.61 6.51 18.67
CA ALA A 684 3.15 7.91 18.55
C ALA A 684 2.12 8.24 19.65
N LYS A 685 2.01 9.50 20.02
CA LYS A 685 0.79 10.02 20.68
C LYS A 685 0.15 11.05 19.72
N THR A 686 -1.17 11.07 19.68
CA THR A 686 -1.95 11.97 18.80
C THR A 686 -1.69 13.38 19.28
N VAL A 687 -1.47 14.30 18.34
CA VAL A 687 -1.54 15.78 18.62
C VAL A 687 -2.49 16.41 17.59
N HIS A 688 -3.46 17.23 18.05
CA HIS A 688 -4.42 17.95 17.18
C HIS A 688 -3.98 19.40 17.04
N VAL A 689 -3.55 19.79 15.85
CA VAL A 689 -3.18 21.20 15.56
C VAL A 689 -4.42 21.93 15.07
N ILE A 690 -4.78 23.02 15.76
CA ILE A 690 -5.98 23.82 15.37
C ILE A 690 -5.57 25.24 14.97
N LEU A 691 -6.48 25.88 14.23
CA LEU A 691 -6.43 27.31 13.85
C LEU A 691 -6.94 28.14 15.07
O1 PG4 B . 24.75 13.30 -8.35
C1 PG4 B . 23.70 13.41 -9.29
C2 PG4 B . 22.56 12.50 -8.95
O2 PG4 B . 22.31 11.61 -10.02
C3 PG4 B . 22.98 10.36 -9.91
C4 PG4 B . 22.33 9.34 -10.81
O3 PG4 B . 22.16 8.14 -10.06
C5 PG4 B . 23.10 7.11 -10.36
C6 PG4 B . 23.10 6.07 -9.26
O4 PG4 B . 23.81 6.56 -8.12
C7 PG4 B . 24.15 5.53 -7.18
C8 PG4 B . 24.91 6.12 -6.03
O5 PG4 B . 26.19 6.59 -6.40
C ACT C . -11.73 12.27 17.38
O ACT C . -11.51 12.88 16.31
OXT ACT C . -10.86 12.06 18.25
CH3 ACT C . -13.14 11.74 17.64
C1 NAG D . -24.76 18.53 -7.50
C2 NAG D . -25.67 17.85 -8.54
C3 NAG D . -25.87 18.76 -9.76
C4 NAG D . -26.44 20.08 -9.27
C5 NAG D . -25.38 20.65 -8.34
C6 NAG D . -25.90 21.98 -7.96
C7 NAG D . -25.04 15.45 -8.58
C8 NAG D . -24.23 14.52 -9.44
N2 NAG D . -25.10 16.65 -9.11
O3 NAG D . -26.69 18.09 -10.71
O4 NAG D . -26.85 21.05 -10.29
O5 NAG D . -25.23 19.84 -7.15
O6 NAG D . -27.26 21.76 -7.55
O7 NAG D . -25.52 15.12 -7.50
NA NA E . 4.09 11.07 -21.87
#